data_2HUR
#
_entry.id   2HUR
#
_cell.length_a   118.904
_cell.length_b   76.095
_cell.length_c   104.588
_cell.angle_alpha   90.00
_cell.angle_beta   112.99
_cell.angle_gamma   90.00
#
_symmetry.space_group_name_H-M   'C 1 2 1'
#
loop_
_entity.id
_entity.type
_entity.pdbx_description
1 polymer 'NUCLEOSIDE DIPHOSPHATE KINASE'
2 non-polymer 'SULFATE ION'
3 water water
#
_entity_poly.entity_id   1
_entity_poly.type   'polypeptide(L)'
_entity_poly.pdbx_seq_one_letter_code
;AIERTFSIIKPNAVAKNVIGNIFARFEAAGFKIVGTKMLHLTVEQARGFYAEHDGKPFFDGLVEFMTSGPIVVSVLEGEN
AVQRHRDLLGATNPANALAGTLRADYADSLTENGTHGSDSVESAAREIAYFFGEGEVCPRTR
;
_entity_poly.pdbx_strand_id   A,B,C,D,E,F
#
loop_
_chem_comp.id
_chem_comp.type
_chem_comp.name
_chem_comp.formula
SO4 non-polymer 'SULFATE ION' 'O4 S -2'
#
# COMPACT_ATOMS: atom_id res chain seq x y z
N ALA A 1 -21.62 11.49 -27.34
CA ALA A 1 -22.03 10.39 -28.25
C ALA A 1 -21.00 9.26 -28.24
N ILE A 2 -21.44 8.03 -28.42
CA ILE A 2 -20.54 6.90 -28.46
C ILE A 2 -19.87 6.90 -29.83
N GLU A 3 -18.55 6.94 -29.84
CA GLU A 3 -17.80 6.98 -31.08
C GLU A 3 -16.77 5.88 -31.15
N ARG A 4 -16.17 5.72 -32.33
CA ARG A 4 -15.12 4.76 -32.55
C ARG A 4 -13.92 5.51 -33.09
N THR A 5 -12.74 5.21 -32.57
CA THR A 5 -11.54 5.88 -33.03
C THR A 5 -10.48 4.85 -33.37
N PHE A 6 -9.48 5.26 -34.12
CA PHE A 6 -8.43 4.36 -34.58
C PHE A 6 -7.14 4.52 -33.79
N SER A 7 -6.48 3.38 -33.55
CA SER A 7 -5.24 3.34 -32.79
C SER A 7 -4.16 2.53 -33.48
N ILE A 8 -2.92 2.98 -33.32
CA ILE A 8 -1.79 2.23 -33.83
C ILE A 8 -0.80 2.10 -32.68
N ILE A 9 -0.32 0.89 -32.44
CA ILE A 9 0.73 0.66 -31.47
C ILE A 9 1.90 0.42 -32.42
N LYS A 10 2.81 1.39 -32.43
CA LYS A 10 3.95 1.42 -33.35
C LYS A 10 5.04 0.36 -33.14
N PRO A 11 5.89 0.15 -34.16
CA PRO A 11 6.96 -0.85 -34.08
C PRO A 11 7.84 -0.86 -32.84
N ASN A 12 8.16 0.31 -32.30
CA ASN A 12 9.00 0.36 -31.11
C ASN A 12 8.30 -0.22 -29.88
N ALA A 13 6.99 0.00 -29.77
CA ALA A 13 6.21 -0.49 -28.63
C ALA A 13 5.98 -2.00 -28.73
N VAL A 14 5.70 -2.49 -29.93
CA VAL A 14 5.51 -3.92 -30.12
C VAL A 14 6.83 -4.63 -29.78
N ALA A 15 7.94 -4.06 -30.22
CA ALA A 15 9.25 -4.65 -29.98
C ALA A 15 9.64 -4.74 -28.49
N LYS A 16 9.11 -3.82 -27.69
CA LYS A 16 9.40 -3.79 -26.26
C LYS A 16 8.40 -4.65 -25.50
N ASN A 17 7.49 -5.28 -26.24
CA ASN A 17 6.47 -6.15 -25.63
C ASN A 17 5.63 -5.45 -24.57
N VAL A 18 5.07 -4.30 -24.94
CA VAL A 18 4.20 -3.57 -24.02
C VAL A 18 2.81 -3.42 -24.61
N ILE A 19 2.46 -4.32 -25.53
CA ILE A 19 1.14 -4.31 -26.17
C ILE A 19 0.08 -4.47 -25.09
N GLY A 20 0.30 -5.42 -24.19
CA GLY A 20 -0.67 -5.65 -23.12
C GLY A 20 -0.80 -4.45 -22.19
N ASN A 21 0.32 -3.82 -21.86
CA ASN A 21 0.29 -2.65 -20.97
C ASN A 21 -0.55 -1.55 -21.62
N ILE A 22 -0.35 -1.34 -22.92
CA ILE A 22 -1.09 -0.29 -23.61
C ILE A 22 -2.58 -0.64 -23.68
N PHE A 23 -2.89 -1.89 -24.05
CA PHE A 23 -4.30 -2.31 -24.10
C PHE A 23 -4.94 -2.15 -22.71
N ALA A 24 -4.20 -2.48 -21.66
CA ALA A 24 -4.75 -2.37 -20.32
C ALA A 24 -5.07 -0.92 -20.00
N ARG A 25 -4.23 0.00 -20.50
CA ARG A 25 -4.47 1.43 -20.30
C ARG A 25 -5.74 1.85 -21.05
N PHE A 26 -5.92 1.34 -22.26
CA PHE A 26 -7.14 1.66 -23.04
C PHE A 26 -8.35 1.23 -22.22
N GLU A 27 -8.33 -0.02 -21.72
CA GLU A 27 -9.46 -0.54 -20.97
C GLU A 27 -9.70 0.15 -19.63
N ALA A 28 -8.64 0.50 -18.93
CA ALA A 28 -8.80 1.17 -17.65
C ALA A 28 -9.39 2.56 -17.87
N ALA A 29 -9.15 3.13 -19.04
CA ALA A 29 -9.67 4.47 -19.37
C ALA A 29 -11.13 4.46 -19.84
N GLY A 30 -11.73 3.28 -19.91
CA GLY A 30 -13.12 3.18 -20.31
C GLY A 30 -13.39 2.82 -21.76
N PHE A 31 -12.34 2.55 -22.52
CA PHE A 31 -12.53 2.19 -23.92
C PHE A 31 -12.79 0.70 -24.08
N LYS A 32 -13.59 0.34 -25.06
CA LYS A 32 -13.83 -1.06 -25.35
C LYS A 32 -13.07 -1.34 -26.66
N ILE A 33 -12.23 -2.38 -26.66
CA ILE A 33 -11.50 -2.72 -27.88
C ILE A 33 -12.50 -3.50 -28.75
N VAL A 34 -12.89 -2.90 -29.88
CA VAL A 34 -13.88 -3.55 -30.74
C VAL A 34 -13.29 -4.09 -32.05
N GLY A 35 -12.00 -3.83 -32.27
CA GLY A 35 -11.35 -4.34 -33.45
C GLY A 35 -9.86 -4.30 -33.22
N THR A 36 -9.13 -5.27 -33.73
CA THR A 36 -7.67 -5.26 -33.59
C THR A 36 -7.02 -6.34 -34.42
N LYS A 37 -5.80 -6.05 -34.88
CA LYS A 37 -5.03 -7.02 -35.61
C LYS A 37 -3.59 -6.59 -35.70
N MET A 38 -2.71 -7.57 -35.73
CA MET A 38 -1.30 -7.33 -35.84
C MET A 38 -0.93 -7.56 -37.30
N LEU A 39 -0.09 -6.69 -37.84
CA LEU A 39 0.34 -6.83 -39.23
C LEU A 39 1.68 -6.13 -39.38
N HIS A 40 2.31 -6.33 -40.52
CA HIS A 40 3.59 -5.70 -40.79
C HIS A 40 3.43 -5.00 -42.13
N LEU A 41 3.36 -3.67 -42.07
CA LEU A 41 3.17 -2.86 -43.25
C LEU A 41 4.25 -2.98 -44.30
N THR A 42 3.83 -3.02 -45.55
CA THR A 42 4.77 -3.06 -46.67
C THR A 42 4.98 -1.58 -46.95
N VAL A 43 6.01 -1.25 -47.73
CA VAL A 43 6.26 0.15 -48.06
C VAL A 43 5.05 0.75 -48.77
N GLU A 44 4.46 -0.04 -49.67
CA GLU A 44 3.30 0.41 -50.43
C GLU A 44 2.13 0.75 -49.50
N GLN A 45 1.85 -0.13 -48.54
CA GLN A 45 0.76 0.10 -47.60
C GLN A 45 1.05 1.31 -46.71
N ALA A 46 2.30 1.45 -46.28
CA ALA A 46 2.69 2.58 -45.42
C ALA A 46 2.55 3.90 -46.16
N ARG A 47 3.00 3.94 -47.41
CA ARG A 47 2.90 5.14 -48.23
C ARG A 47 1.43 5.49 -48.50
N GLY A 48 0.60 4.47 -48.64
CA GLY A 48 -0.81 4.70 -48.90
C GLY A 48 -1.56 5.30 -47.72
N PHE A 49 -1.19 4.88 -46.51
CA PHE A 49 -1.83 5.40 -45.31
C PHE A 49 -1.37 6.82 -45.00
N TYR A 50 -0.09 7.08 -45.24
CA TYR A 50 0.50 8.39 -44.98
C TYR A 50 0.61 9.24 -46.25
N ALA A 51 -0.23 8.96 -47.22
CA ALA A 51 -0.24 9.67 -48.49
C ALA A 51 -0.23 11.19 -48.33
N GLU A 52 -1.03 11.69 -47.39
CA GLU A 52 -1.10 13.13 -47.16
C GLU A 52 0.24 13.74 -46.76
N HIS A 53 1.24 12.91 -46.56
CA HIS A 53 2.57 13.41 -46.19
C HIS A 53 3.56 13.17 -47.34
N ASP A 54 3.07 12.56 -48.41
CA ASP A 54 3.91 12.27 -49.56
C ASP A 54 4.57 13.54 -50.10
N GLY A 55 5.90 13.54 -50.16
CA GLY A 55 6.62 14.70 -50.65
C GLY A 55 7.40 15.43 -49.58
N LYS A 56 6.87 15.47 -48.36
CA LYS A 56 7.53 16.16 -47.25
C LYS A 56 8.88 15.50 -46.94
N PRO A 57 9.78 16.24 -46.28
CA PRO A 57 11.11 15.72 -45.92
C PRO A 57 11.16 14.47 -45.04
N PHE A 58 10.33 14.44 -44.00
CA PHE A 58 10.31 13.31 -43.08
C PHE A 58 9.56 12.09 -43.60
N PHE A 59 8.86 12.22 -44.73
CA PHE A 59 8.09 11.12 -45.30
C PHE A 59 8.83 9.78 -45.35
N ASP A 60 9.96 9.74 -46.04
CA ASP A 60 10.72 8.51 -46.17
C ASP A 60 11.13 7.92 -44.82
N GLY A 61 11.53 8.78 -43.88
CA GLY A 61 11.91 8.30 -42.56
C GLY A 61 10.71 7.74 -41.80
N LEU A 62 9.56 8.37 -41.99
CA LEU A 62 8.32 7.92 -41.34
C LEU A 62 7.93 6.56 -41.90
N VAL A 63 8.04 6.41 -43.22
CA VAL A 63 7.70 5.16 -43.89
C VAL A 63 8.67 4.05 -43.49
N GLU A 64 9.93 4.40 -43.36
CA GLU A 64 10.95 3.41 -42.97
C GLU A 64 10.67 2.91 -41.56
N PHE A 65 10.38 3.83 -40.63
CA PHE A 65 10.09 3.44 -39.26
C PHE A 65 8.83 2.58 -39.17
N MET A 66 7.75 3.04 -39.79
CA MET A 66 6.48 2.31 -39.73
C MET A 66 6.45 0.98 -40.48
N THR A 67 7.52 0.64 -41.18
CA THR A 67 7.61 -0.64 -41.88
C THR A 67 8.77 -1.47 -41.33
N SER A 68 9.42 -0.95 -40.29
CA SER A 68 10.56 -1.60 -39.65
C SER A 68 10.26 -2.84 -38.81
N GLY A 69 9.00 -2.98 -38.39
CA GLY A 69 8.60 -4.13 -37.60
C GLY A 69 7.08 -4.15 -37.51
N PRO A 70 6.50 -5.20 -36.93
CA PRO A 70 5.04 -5.31 -36.81
C PRO A 70 4.41 -4.24 -35.94
N ILE A 71 3.13 -3.98 -36.19
CA ILE A 71 2.36 -2.99 -35.43
C ILE A 71 1.03 -3.62 -35.08
N VAL A 72 0.30 -3.00 -34.17
CA VAL A 72 -1.04 -3.47 -33.82
C VAL A 72 -1.98 -2.30 -34.12
N VAL A 73 -2.97 -2.54 -34.98
CA VAL A 73 -3.94 -1.48 -35.30
C VAL A 73 -5.24 -1.88 -34.62
N SER A 74 -5.93 -0.91 -34.01
CA SER A 74 -7.17 -1.23 -33.32
C SER A 74 -8.25 -0.16 -33.45
N VAL A 75 -9.46 -0.56 -33.10
CA VAL A 75 -10.60 0.36 -33.11
C VAL A 75 -11.10 0.39 -31.65
N LEU A 76 -11.16 1.58 -31.08
CA LEU A 76 -11.61 1.76 -29.70
C LEU A 76 -12.98 2.45 -29.68
N GLU A 77 -13.87 1.94 -28.84
CA GLU A 77 -15.22 2.48 -28.76
C GLU A 77 -15.53 3.04 -27.38
N GLY A 78 -16.24 4.16 -27.35
CA GLY A 78 -16.60 4.75 -26.08
C GLY A 78 -17.18 6.14 -26.25
N GLU A 79 -17.72 6.66 -25.16
CA GLU A 79 -18.30 8.00 -25.15
C GLU A 79 -17.20 9.01 -25.45
N ASN A 80 -17.44 9.88 -26.43
CA ASN A 80 -16.48 10.92 -26.81
C ASN A 80 -15.10 10.27 -27.07
N ALA A 81 -15.13 9.04 -27.56
CA ALA A 81 -13.89 8.28 -27.80
C ALA A 81 -12.77 8.96 -28.58
N VAL A 82 -13.10 9.67 -29.65
CA VAL A 82 -12.02 10.31 -30.41
C VAL A 82 -11.20 11.27 -29.56
N GLN A 83 -11.85 12.20 -28.90
CA GLN A 83 -11.13 13.16 -28.08
C GLN A 83 -10.51 12.52 -26.85
N ARG A 84 -11.25 11.63 -26.20
CA ARG A 84 -10.72 10.98 -24.99
C ARG A 84 -9.48 10.15 -25.31
N HIS A 85 -9.43 9.58 -26.50
CA HIS A 85 -8.26 8.79 -26.88
C HIS A 85 -7.07 9.74 -27.04
N ARG A 86 -7.29 10.89 -27.68
CA ARG A 86 -6.21 11.85 -27.86
C ARG A 86 -5.70 12.30 -26.49
N ASP A 87 -6.63 12.51 -25.55
CA ASP A 87 -6.29 12.93 -24.20
C ASP A 87 -5.43 11.88 -23.51
N LEU A 88 -5.78 10.61 -23.71
CA LEU A 88 -5.01 9.50 -23.13
C LEU A 88 -3.59 9.40 -23.67
N LEU A 89 -3.44 9.61 -24.97
CA LEU A 89 -2.14 9.53 -25.61
C LEU A 89 -1.19 10.65 -25.17
N GLY A 90 -1.72 11.85 -25.01
CA GLY A 90 -0.88 12.97 -24.64
C GLY A 90 -0.16 13.56 -25.85
N ALA A 91 0.64 14.58 -25.61
CA ALA A 91 1.37 15.28 -26.66
C ALA A 91 2.16 14.37 -27.60
N THR A 92 2.17 14.74 -28.88
CA THR A 92 2.88 13.97 -29.90
C THR A 92 4.36 13.85 -29.53
N ASN A 93 4.91 14.91 -28.95
CA ASN A 93 6.32 14.90 -28.56
C ASN A 93 6.41 14.44 -27.11
N PRO A 94 7.12 13.33 -26.87
CA PRO A 94 7.32 12.75 -25.54
C PRO A 94 7.80 13.77 -24.51
N ALA A 95 8.68 14.66 -24.95
CA ALA A 95 9.23 15.69 -24.07
C ALA A 95 8.16 16.65 -23.55
N ASN A 96 7.07 16.78 -24.28
CA ASN A 96 6.00 17.67 -23.87
C ASN A 96 4.78 16.94 -23.32
N ALA A 97 4.77 15.62 -23.42
CA ALA A 97 3.62 14.84 -22.94
C ALA A 97 3.61 14.76 -21.41
N LEU A 98 2.44 14.95 -20.81
CA LEU A 98 2.32 14.90 -19.35
C LEU A 98 2.57 13.49 -18.81
N ALA A 99 3.16 13.41 -17.62
CA ALA A 99 3.46 12.13 -16.98
C ALA A 99 2.23 11.24 -16.96
N GLY A 100 2.41 9.97 -17.31
CA GLY A 100 1.29 9.04 -17.31
C GLY A 100 0.57 8.85 -18.62
N THR A 101 0.70 9.82 -19.53
CA THR A 101 0.05 9.67 -20.83
C THR A 101 0.82 8.58 -21.58
N LEU A 102 0.22 8.00 -22.61
CA LEU A 102 0.88 6.92 -23.34
C LEU A 102 2.17 7.34 -24.03
N ARG A 103 2.23 8.56 -24.55
CA ARG A 103 3.47 8.99 -25.17
C ARG A 103 4.55 9.13 -24.09
N ALA A 104 4.20 9.72 -22.94
CA ALA A 104 5.17 9.87 -21.86
C ALA A 104 5.70 8.54 -21.34
N ASP A 105 4.80 7.57 -21.18
CA ASP A 105 5.18 6.26 -20.63
C ASP A 105 5.82 5.26 -21.60
N TYR A 106 5.42 5.31 -22.87
CA TYR A 106 5.94 4.34 -23.83
C TYR A 106 6.72 4.85 -25.03
N ALA A 107 6.89 6.16 -25.17
CA ALA A 107 7.63 6.67 -26.32
C ALA A 107 9.13 6.57 -26.09
N ASP A 108 9.88 6.30 -27.16
CA ASP A 108 11.32 6.22 -27.07
C ASP A 108 11.93 7.50 -27.65
N SER A 109 11.15 8.20 -28.46
CA SER A 109 11.59 9.47 -29.08
C SER A 109 10.42 10.12 -29.82
N LEU A 110 10.65 11.29 -30.40
CA LEU A 110 9.61 12.00 -31.13
C LEU A 110 9.10 11.21 -32.34
N THR A 111 10.03 10.65 -33.11
CA THR A 111 9.66 9.88 -34.28
C THR A 111 9.06 8.53 -33.87
N GLU A 112 9.61 7.95 -32.82
CA GLU A 112 9.13 6.68 -32.32
C GLU A 112 8.36 6.91 -31.02
N ASN A 113 7.24 7.63 -31.11
CA ASN A 113 6.46 7.95 -29.92
C ASN A 113 5.50 6.84 -29.48
N GLY A 114 5.64 5.67 -30.10
CA GLY A 114 4.86 4.49 -29.74
C GLY A 114 3.39 4.32 -30.07
N THR A 115 2.63 5.40 -30.17
CA THR A 115 1.19 5.28 -30.44
C THR A 115 0.64 6.36 -31.35
N HIS A 116 -0.43 6.01 -32.06
CA HIS A 116 -1.15 6.95 -32.92
C HIS A 116 -2.62 6.87 -32.57
N GLY A 117 -3.30 8.01 -32.67
CA GLY A 117 -4.73 8.09 -32.42
C GLY A 117 -5.34 9.06 -33.42
N SER A 118 -6.55 8.76 -33.90
CA SER A 118 -7.24 9.63 -34.86
C SER A 118 -7.42 11.03 -34.29
N ASP A 119 -7.28 12.06 -35.12
CA ASP A 119 -7.46 13.43 -34.62
C ASP A 119 -8.88 13.99 -34.75
N SER A 120 -9.78 13.25 -35.40
CA SER A 120 -11.15 13.70 -35.56
C SER A 120 -12.08 12.54 -35.89
N VAL A 121 -13.37 12.76 -35.75
CA VAL A 121 -14.37 11.72 -36.06
C VAL A 121 -14.28 11.40 -37.55
N GLU A 122 -13.96 12.43 -38.34
CA GLU A 122 -13.85 12.30 -39.78
C GLU A 122 -12.64 11.44 -40.17
N SER A 123 -11.47 11.75 -39.60
CA SER A 123 -10.27 10.99 -39.91
C SER A 123 -10.35 9.59 -39.32
N ALA A 124 -11.01 9.45 -38.18
CA ALA A 124 -11.14 8.12 -37.57
C ALA A 124 -11.88 7.22 -38.56
N ALA A 125 -12.93 7.74 -39.17
CA ALA A 125 -13.72 6.97 -40.13
C ALA A 125 -12.84 6.52 -41.30
N ARG A 126 -12.02 7.44 -41.81
CA ARG A 126 -11.14 7.13 -42.92
C ARG A 126 -10.04 6.14 -42.53
N GLU A 127 -9.46 6.32 -41.35
CA GLU A 127 -8.38 5.45 -40.89
C GLU A 127 -8.89 4.03 -40.63
N ILE A 128 -10.05 3.90 -40.01
CA ILE A 128 -10.62 2.59 -39.72
C ILE A 128 -10.94 1.86 -41.03
N ALA A 129 -11.53 2.58 -41.98
CA ALA A 129 -11.88 2.00 -43.27
C ALA A 129 -10.65 1.50 -44.01
N TYR A 130 -9.53 2.17 -43.80
CA TYR A 130 -8.30 1.79 -44.46
C TYR A 130 -7.80 0.41 -44.03
N PHE A 131 -7.90 0.12 -42.73
CA PHE A 131 -7.40 -1.15 -42.20
C PHE A 131 -8.41 -2.24 -41.89
N PHE A 132 -9.66 -1.87 -41.67
CA PHE A 132 -10.69 -2.84 -41.30
C PHE A 132 -11.80 -2.97 -42.33
N GLY A 133 -12.04 -4.20 -42.76
CA GLY A 133 -13.09 -4.46 -43.72
C GLY A 133 -14.40 -4.72 -42.98
N GLU A 134 -15.47 -4.93 -43.74
CA GLU A 134 -16.77 -5.19 -43.15
C GLU A 134 -16.68 -6.48 -42.33
N GLY A 135 -17.16 -6.44 -41.09
CA GLY A 135 -17.12 -7.61 -40.24
C GLY A 135 -15.96 -7.65 -39.26
N GLU A 136 -14.93 -6.86 -39.50
CA GLU A 136 -13.76 -6.82 -38.64
C GLU A 136 -13.93 -6.00 -37.37
N VAL A 137 -14.89 -5.07 -37.38
CA VAL A 137 -15.16 -4.28 -36.18
C VAL A 137 -16.32 -5.00 -35.53
N CYS A 138 -16.12 -5.41 -34.28
CA CYS A 138 -17.10 -6.21 -33.55
C CYS A 138 -17.80 -5.55 -32.37
N PRO A 139 -19.04 -5.07 -32.57
CA PRO A 139 -19.74 -4.44 -31.45
C PRO A 139 -19.97 -5.48 -30.35
N ARG A 140 -20.08 -5.03 -29.11
CA ARG A 140 -20.27 -5.93 -27.98
C ARG A 140 -21.70 -6.47 -27.90
N THR A 141 -21.83 -7.78 -27.75
CA THR A 141 -23.12 -8.44 -27.68
C THR A 141 -23.34 -9.04 -26.30
N ARG A 142 -22.42 -8.76 -25.39
CA ARG A 142 -22.50 -9.25 -24.01
C ARG A 142 -21.45 -8.54 -23.17
N ALA B 1 12.91 -25.80 -27.72
CA ALA B 1 12.94 -25.07 -29.01
C ALA B 1 11.91 -23.96 -29.01
N ILE B 2 12.10 -22.98 -29.89
CA ILE B 2 11.14 -21.89 -30.00
C ILE B 2 9.89 -22.44 -30.65
N GLU B 3 8.74 -22.24 -30.01
CA GLU B 3 7.48 -22.75 -30.55
C GLU B 3 6.47 -21.61 -30.67
N ARG B 4 5.40 -21.87 -31.40
CA ARG B 4 4.33 -20.91 -31.54
C ARG B 4 3.09 -21.66 -31.07
N THR B 5 2.39 -21.09 -30.10
CA THR B 5 1.19 -21.73 -29.60
C THR B 5 -0.01 -20.82 -29.83
N PHE B 6 -1.20 -21.41 -29.78
CA PHE B 6 -2.43 -20.67 -30.04
C PHE B 6 -3.17 -20.30 -28.76
N SER B 7 -3.71 -19.09 -28.75
CA SER B 7 -4.45 -18.56 -27.61
C SER B 7 -5.80 -17.99 -28.02
N ILE B 8 -6.80 -18.22 -27.18
CA ILE B 8 -8.10 -17.59 -27.38
C ILE B 8 -8.46 -16.93 -26.07
N ILE B 9 -8.87 -15.67 -26.14
CA ILE B 9 -9.37 -14.97 -24.96
C ILE B 9 -10.86 -15.06 -25.32
N LYS B 10 -11.59 -15.83 -24.51
CA LYS B 10 -13.01 -16.11 -24.73
C LYS B 10 -13.97 -14.94 -24.51
N PRO B 11 -15.23 -15.08 -24.98
CA PRO B 11 -16.21 -14.00 -24.85
C PRO B 11 -16.41 -13.38 -23.47
N ASN B 12 -16.31 -14.18 -22.42
CA ASN B 12 -16.53 -13.64 -21.09
C ASN B 12 -15.43 -12.68 -20.68
N ALA B 13 -14.19 -12.99 -21.07
CA ALA B 13 -13.06 -12.15 -20.72
C ALA B 13 -13.05 -10.89 -21.58
N VAL B 14 -13.37 -11.02 -22.87
CA VAL B 14 -13.42 -9.84 -23.73
C VAL B 14 -14.49 -8.88 -23.16
N ALA B 15 -15.63 -9.45 -22.77
CA ALA B 15 -16.73 -8.64 -22.23
C ALA B 15 -16.37 -7.90 -20.94
N LYS B 16 -15.42 -8.43 -20.18
CA LYS B 16 -15.00 -7.80 -18.93
C LYS B 16 -13.87 -6.79 -19.14
N ASN B 17 -13.47 -6.64 -20.39
CA ASN B 17 -12.42 -5.70 -20.77
C ASN B 17 -11.10 -5.99 -20.04
N VAL B 18 -10.69 -7.26 -20.07
CA VAL B 18 -9.41 -7.64 -19.45
C VAL B 18 -8.44 -8.18 -20.49
N ILE B 19 -8.63 -7.79 -21.75
CA ILE B 19 -7.74 -8.23 -22.82
C ILE B 19 -6.32 -7.74 -22.51
N GLY B 20 -6.20 -6.48 -22.11
CA GLY B 20 -4.89 -5.94 -21.80
C GLY B 20 -4.22 -6.68 -20.65
N ASN B 21 -4.97 -6.91 -19.57
CA ASN B 21 -4.42 -7.62 -18.42
C ASN B 21 -3.86 -8.98 -18.84
N ILE B 22 -4.62 -9.69 -19.69
CA ILE B 22 -4.20 -11.01 -20.13
C ILE B 22 -2.97 -10.94 -21.02
N PHE B 23 -2.98 -10.02 -22.00
CA PHE B 23 -1.81 -9.84 -22.86
C PHE B 23 -0.59 -9.48 -22.02
N ALA B 24 -0.77 -8.61 -21.02
CA ALA B 24 0.35 -8.19 -20.17
C ALA B 24 0.94 -9.39 -19.42
N ARG B 25 0.09 -10.34 -19.05
CA ARG B 25 0.59 -11.55 -18.37
C ARG B 25 1.39 -12.40 -19.36
N PHE B 26 0.92 -12.50 -20.61
CA PHE B 26 1.64 -13.26 -21.64
C PHE B 26 3.03 -12.65 -21.79
N GLU B 27 3.08 -11.33 -21.91
CA GLU B 27 4.36 -10.67 -22.12
C GLU B 27 5.28 -10.72 -20.91
N ALA B 28 4.71 -10.63 -19.71
CA ALA B 28 5.51 -10.71 -18.48
C ALA B 28 6.07 -12.12 -18.31
N ALA B 29 5.38 -13.12 -18.86
CA ALA B 29 5.84 -14.50 -18.75
C ALA B 29 6.89 -14.80 -19.83
N GLY B 30 7.22 -13.80 -20.64
CA GLY B 30 8.23 -13.96 -21.67
C GLY B 30 7.78 -14.29 -23.09
N PHE B 31 6.47 -14.38 -23.32
CA PHE B 31 5.98 -14.70 -24.67
C PHE B 31 6.01 -13.45 -25.56
N LYS B 32 6.17 -13.65 -26.85
CA LYS B 32 6.10 -12.52 -27.77
C LYS B 32 4.81 -12.75 -28.56
N ILE B 33 3.96 -11.73 -28.63
CA ILE B 33 2.71 -11.86 -29.37
C ILE B 33 3.08 -11.62 -30.83
N VAL B 34 3.03 -12.68 -31.65
CA VAL B 34 3.39 -12.51 -33.06
C VAL B 34 2.21 -12.54 -34.02
N GLY B 35 1.01 -12.70 -33.47
CA GLY B 35 -0.18 -12.69 -34.30
C GLY B 35 -1.36 -12.46 -33.39
N THR B 36 -2.33 -11.66 -33.84
CA THR B 36 -3.54 -11.46 -33.05
C THR B 36 -4.62 -10.79 -33.89
N LYS B 37 -5.86 -11.12 -33.60
CA LYS B 37 -6.99 -10.52 -34.26
C LYS B 37 -8.24 -10.72 -33.41
N MET B 38 -9.13 -9.73 -33.45
CA MET B 38 -10.39 -9.81 -32.73
C MET B 38 -11.43 -10.17 -33.79
N LEU B 39 -12.31 -11.11 -33.47
CA LEU B 39 -13.35 -11.50 -34.40
C LEU B 39 -14.56 -11.95 -33.60
N HIS B 40 -15.70 -12.04 -34.28
CA HIS B 40 -16.90 -12.53 -33.60
C HIS B 40 -17.31 -13.75 -34.42
N LEU B 41 -17.03 -14.93 -33.89
CA LEU B 41 -17.36 -16.15 -34.60
C LEU B 41 -18.84 -16.27 -34.88
N THR B 42 -19.15 -16.77 -36.07
CA THR B 42 -20.52 -17.01 -36.46
C THR B 42 -20.74 -18.47 -36.11
N VAL B 43 -22.00 -18.90 -36.08
CA VAL B 43 -22.30 -20.28 -35.79
C VAL B 43 -21.59 -21.20 -36.78
N GLU B 44 -21.57 -20.81 -38.05
CA GLU B 44 -20.93 -21.63 -39.08
C GLU B 44 -19.42 -21.76 -38.84
N GLN B 45 -18.77 -20.67 -38.45
CA GLN B 45 -17.34 -20.69 -38.22
C GLN B 45 -17.01 -21.50 -36.97
N ALA B 46 -17.84 -21.36 -35.94
CA ALA B 46 -17.62 -22.08 -34.69
C ALA B 46 -17.83 -23.59 -34.88
N ARG B 47 -18.86 -23.96 -35.66
CA ARG B 47 -19.12 -25.38 -35.91
C ARG B 47 -17.95 -25.97 -36.68
N GLY B 48 -17.29 -25.12 -37.47
CA GLY B 48 -16.15 -25.59 -38.24
C GLY B 48 -14.94 -25.85 -37.36
N PHE B 49 -14.64 -24.91 -36.47
CA PHE B 49 -13.50 -25.03 -35.57
C PHE B 49 -13.68 -26.17 -34.56
N TYR B 50 -14.90 -26.36 -34.08
CA TYR B 50 -15.19 -27.42 -33.12
C TYR B 50 -15.86 -28.64 -33.77
N ALA B 51 -15.70 -28.77 -35.09
CA ALA B 51 -16.31 -29.86 -35.84
C ALA B 51 -16.10 -31.27 -35.26
N GLU B 52 -14.98 -31.46 -34.56
CA GLU B 52 -14.69 -32.77 -34.00
C GLU B 52 -15.68 -33.20 -32.92
N HIS B 53 -16.42 -32.24 -32.37
CA HIS B 53 -17.41 -32.53 -31.34
C HIS B 53 -18.79 -32.82 -31.91
N ASP B 54 -18.92 -32.81 -33.23
CA ASP B 54 -20.23 -33.06 -33.84
C ASP B 54 -20.74 -34.43 -33.39
N GLY B 55 -21.97 -34.47 -32.90
CA GLY B 55 -22.56 -35.71 -32.45
C GLY B 55 -22.10 -36.05 -31.03
N LYS B 56 -21.27 -35.18 -30.46
CA LYS B 56 -20.73 -35.38 -29.12
C LYS B 56 -21.50 -34.48 -28.13
N PRO B 57 -21.35 -34.76 -26.83
CA PRO B 57 -21.97 -34.06 -25.69
C PRO B 57 -22.18 -32.54 -25.65
N PHE B 58 -21.10 -31.77 -25.74
CA PHE B 58 -21.23 -30.32 -25.63
C PHE B 58 -21.11 -29.49 -26.90
N PHE B 59 -21.30 -30.11 -28.06
CA PHE B 59 -21.19 -29.38 -29.31
C PHE B 59 -22.04 -28.10 -29.33
N ASP B 60 -23.34 -28.23 -29.10
CA ASP B 60 -24.21 -27.05 -29.12
C ASP B 60 -23.86 -25.97 -28.12
N GLY B 61 -23.60 -26.37 -26.88
CA GLY B 61 -23.27 -25.41 -25.83
C GLY B 61 -21.96 -24.69 -26.10
N LEU B 62 -21.00 -25.43 -26.66
CA LEU B 62 -19.70 -24.90 -26.99
C LEU B 62 -19.85 -23.81 -28.07
N VAL B 63 -20.62 -24.12 -29.10
CA VAL B 63 -20.83 -23.18 -30.20
C VAL B 63 -21.59 -21.96 -29.70
N GLU B 64 -22.60 -22.19 -28.86
CA GLU B 64 -23.39 -21.09 -28.33
C GLU B 64 -22.53 -20.10 -27.53
N PHE B 65 -21.69 -20.61 -26.63
CA PHE B 65 -20.85 -19.72 -25.84
C PHE B 65 -19.80 -19.00 -26.70
N MET B 66 -19.12 -19.77 -27.56
CA MET B 66 -18.07 -19.19 -28.37
C MET B 66 -18.53 -18.21 -29.46
N THR B 67 -19.84 -18.13 -29.69
CA THR B 67 -20.40 -17.20 -30.67
C THR B 67 -21.23 -16.13 -29.94
N SER B 68 -21.21 -16.16 -28.62
CA SER B 68 -22.00 -15.22 -27.81
C SER B 68 -21.45 -13.80 -27.76
N GLY B 69 -20.18 -13.64 -28.14
CA GLY B 69 -19.57 -12.32 -28.14
C GLY B 69 -18.23 -12.41 -28.83
N PRO B 70 -17.58 -11.26 -29.11
CA PRO B 70 -16.27 -11.29 -29.79
C PRO B 70 -15.19 -11.96 -28.93
N ILE B 71 -14.16 -12.45 -29.59
CA ILE B 71 -13.02 -13.09 -28.93
C ILE B 71 -11.73 -12.52 -29.52
N VAL B 72 -10.61 -12.82 -28.89
CA VAL B 72 -9.32 -12.39 -29.43
C VAL B 72 -8.50 -13.67 -29.58
N VAL B 73 -8.02 -13.93 -30.80
CA VAL B 73 -7.21 -15.11 -31.05
C VAL B 73 -5.80 -14.63 -31.32
N SER B 74 -4.82 -15.32 -30.76
CA SER B 74 -3.44 -14.89 -30.91
C SER B 74 -2.46 -16.04 -31.06
N VAL B 75 -1.26 -15.69 -31.53
CA VAL B 75 -0.19 -16.66 -31.68
C VAL B 75 0.91 -16.13 -30.74
N LEU B 76 1.36 -16.96 -29.81
CA LEU B 76 2.38 -16.59 -28.85
C LEU B 76 3.65 -17.39 -29.16
N GLU B 77 4.78 -16.70 -29.18
CA GLU B 77 6.06 -17.33 -29.51
C GLU B 77 7.07 -17.30 -28.37
N GLY B 78 7.80 -18.40 -28.21
CA GLY B 78 8.81 -18.46 -27.17
C GLY B 78 9.35 -19.86 -26.96
N GLU B 79 10.43 -19.97 -26.20
CA GLU B 79 11.02 -21.27 -25.90
C GLU B 79 9.99 -22.13 -25.16
N ASN B 80 9.75 -23.35 -25.66
CA ASN B 80 8.80 -24.28 -25.05
C ASN B 80 7.46 -23.58 -24.79
N ALA B 81 7.05 -22.70 -25.69
CA ALA B 81 5.82 -21.95 -25.50
C ALA B 81 4.53 -22.72 -25.29
N VAL B 82 4.36 -23.84 -25.99
CA VAL B 82 3.13 -24.59 -25.83
C VAL B 82 2.91 -24.96 -24.37
N GLN B 83 3.87 -25.65 -23.77
CA GLN B 83 3.72 -26.04 -22.38
C GLN B 83 3.77 -24.85 -21.41
N ARG B 84 4.65 -23.88 -21.65
CA ARG B 84 4.71 -22.74 -20.74
C ARG B 84 3.39 -21.95 -20.73
N HIS B 85 2.73 -21.89 -21.88
CA HIS B 85 1.46 -21.17 -21.98
C HIS B 85 0.42 -21.95 -21.16
N ARG B 86 0.42 -23.27 -21.28
CA ARG B 86 -0.52 -24.08 -20.50
C ARG B 86 -0.27 -23.87 -19.01
N ASP B 87 1.00 -23.78 -18.62
CA ASP B 87 1.34 -23.57 -17.22
C ASP B 87 0.79 -22.23 -16.73
N LEU B 88 0.89 -21.19 -17.56
CA LEU B 88 0.39 -19.86 -17.22
C LEU B 88 -1.14 -19.86 -17.09
N LEU B 89 -1.82 -20.57 -17.98
CA LEU B 89 -3.29 -20.60 -17.94
C LEU B 89 -3.87 -21.29 -16.70
N GLY B 90 -3.25 -22.38 -16.28
CA GLY B 90 -3.75 -23.10 -15.12
C GLY B 90 -4.84 -24.10 -15.49
N ALA B 91 -5.35 -24.79 -14.48
CA ALA B 91 -6.39 -25.81 -14.67
C ALA B 91 -7.61 -25.29 -15.43
N THR B 92 -8.22 -26.18 -16.21
CA THR B 92 -9.40 -25.82 -17.00
C THR B 92 -10.51 -25.27 -16.11
N ASN B 93 -10.64 -25.86 -14.93
CA ASN B 93 -11.64 -25.49 -13.93
C ASN B 93 -11.08 -24.35 -13.08
N PRO B 94 -11.60 -23.13 -13.27
CA PRO B 94 -11.11 -21.98 -12.50
C PRO B 94 -11.10 -22.19 -10.98
N ALA B 95 -12.04 -22.97 -10.46
CA ALA B 95 -12.09 -23.20 -9.02
C ALA B 95 -10.90 -24.01 -8.50
N ASN B 96 -10.32 -24.83 -9.38
CA ASN B 96 -9.16 -25.64 -9.00
C ASN B 96 -7.85 -25.09 -9.55
N ALA B 97 -7.94 -24.09 -10.41
CA ALA B 97 -6.74 -23.49 -10.99
C ALA B 97 -5.99 -22.79 -9.85
N LEU B 98 -4.67 -22.85 -9.86
CA LEU B 98 -3.89 -22.23 -8.80
C LEU B 98 -4.00 -20.72 -8.85
N ALA B 99 -4.02 -20.09 -7.67
CA ALA B 99 -4.12 -18.64 -7.57
C ALA B 99 -3.10 -17.98 -8.48
N GLY B 100 -3.56 -16.96 -9.20
CA GLY B 100 -2.66 -16.23 -10.08
C GLY B 100 -2.65 -16.70 -11.52
N THR B 101 -3.07 -17.95 -11.78
CA THR B 101 -3.10 -18.43 -13.16
C THR B 101 -4.21 -17.70 -13.88
N LEU B 102 -4.21 -17.71 -15.20
CA LEU B 102 -5.24 -16.97 -15.92
C LEU B 102 -6.65 -17.53 -15.71
N ARG B 103 -6.78 -18.84 -15.56
CA ARG B 103 -8.12 -19.39 -15.33
C ARG B 103 -8.62 -18.98 -13.95
N ALA B 104 -7.73 -18.95 -12.97
CA ALA B 104 -8.14 -18.55 -11.62
C ALA B 104 -8.49 -17.06 -11.54
N ASP B 105 -7.71 -16.24 -12.23
CA ASP B 105 -7.88 -14.79 -12.19
C ASP B 105 -8.96 -14.18 -13.05
N TYR B 106 -9.22 -14.79 -14.21
CA TYR B 106 -10.17 -14.19 -15.13
C TYR B 106 -11.37 -15.01 -15.58
N ALA B 107 -11.71 -16.04 -14.82
CA ALA B 107 -12.84 -16.87 -15.18
C ALA B 107 -13.69 -17.19 -13.98
N ASP B 108 -14.96 -17.54 -14.23
CA ASP B 108 -15.91 -17.85 -13.18
C ASP B 108 -16.37 -19.30 -13.24
N SER B 109 -16.43 -19.85 -14.46
CA SER B 109 -16.89 -21.22 -14.62
C SER B 109 -16.04 -22.04 -15.57
N LEU B 110 -16.28 -23.35 -15.56
CA LEU B 110 -15.56 -24.28 -16.41
C LEU B 110 -15.77 -23.94 -17.88
N THR B 111 -17.03 -23.74 -18.27
CA THR B 111 -17.34 -23.41 -19.66
C THR B 111 -16.85 -22.03 -20.05
N GLU B 112 -17.16 -21.02 -19.24
CA GLU B 112 -16.71 -19.67 -19.55
C GLU B 112 -15.43 -19.45 -18.76
N ASN B 113 -14.37 -20.16 -19.14
CA ASN B 113 -13.13 -20.06 -18.39
C ASN B 113 -12.10 -19.04 -18.86
N GLY B 114 -12.56 -18.10 -19.68
CA GLY B 114 -11.75 -17.00 -20.16
C GLY B 114 -10.66 -17.17 -21.19
N THR B 115 -9.94 -18.29 -21.13
CA THR B 115 -8.84 -18.53 -22.06
C THR B 115 -8.71 -19.97 -22.53
N HIS B 116 -8.14 -20.12 -23.73
CA HIS B 116 -7.84 -21.42 -24.31
C HIS B 116 -6.36 -21.39 -24.71
N GLY B 117 -5.70 -22.54 -24.60
CA GLY B 117 -4.31 -22.66 -25.00
C GLY B 117 -4.12 -24.01 -25.69
N SER B 118 -3.31 -24.07 -26.75
CA SER B 118 -3.09 -25.34 -27.44
C SER B 118 -2.54 -26.37 -26.46
N ASP B 119 -2.98 -27.62 -26.58
CA ASP B 119 -2.48 -28.64 -25.66
C ASP B 119 -1.21 -29.34 -26.12
N SER B 120 -0.80 -29.09 -27.36
CA SER B 120 0.42 -29.70 -27.90
C SER B 120 0.93 -28.94 -29.11
N VAL B 121 2.17 -29.20 -29.51
CA VAL B 121 2.75 -28.56 -30.67
C VAL B 121 1.90 -28.93 -31.89
N GLU B 122 1.42 -30.17 -31.93
CA GLU B 122 0.60 -30.62 -33.05
C GLU B 122 -0.74 -29.90 -33.14
N SER B 123 -1.41 -29.74 -31.99
CA SER B 123 -2.70 -29.07 -31.97
C SER B 123 -2.51 -27.56 -32.22
N ALA B 124 -1.37 -27.02 -31.79
CA ALA B 124 -1.10 -25.60 -32.00
C ALA B 124 -1.06 -25.30 -33.50
N ALA B 125 -0.35 -26.15 -34.24
CA ALA B 125 -0.24 -25.98 -35.69
C ALA B 125 -1.61 -25.98 -36.36
N ARG B 126 -2.47 -26.89 -35.95
CA ARG B 126 -3.81 -26.99 -36.53
C ARG B 126 -4.68 -25.80 -36.15
N GLU B 127 -4.62 -25.41 -34.89
CA GLU B 127 -5.44 -24.30 -34.42
C GLU B 127 -5.06 -22.97 -35.05
N ILE B 128 -3.76 -22.72 -35.14
CA ILE B 128 -3.29 -21.49 -35.74
C ILE B 128 -3.72 -21.42 -37.20
N ALA B 129 -3.62 -22.54 -37.91
CA ALA B 129 -4.00 -22.58 -39.32
C ALA B 129 -5.48 -22.28 -39.56
N TYR B 130 -6.31 -22.53 -38.56
CA TYR B 130 -7.73 -22.27 -38.72
C TYR B 130 -8.05 -20.78 -38.64
N PHE B 131 -7.25 -20.02 -37.88
CA PHE B 131 -7.49 -18.59 -37.71
C PHE B 131 -6.54 -17.61 -38.35
N PHE B 132 -5.35 -18.06 -38.74
CA PHE B 132 -4.36 -17.19 -39.36
C PHE B 132 -3.95 -17.71 -40.72
N GLY B 133 -4.16 -16.90 -41.75
CA GLY B 133 -3.78 -17.32 -43.09
C GLY B 133 -2.29 -17.19 -43.29
N GLU B 134 -1.79 -17.78 -44.38
CA GLU B 134 -0.38 -17.71 -44.71
C GLU B 134 0.08 -16.26 -44.73
N GLY B 135 1.15 -15.98 -44.00
CA GLY B 135 1.68 -14.63 -43.93
C GLY B 135 1.07 -13.71 -42.90
N GLU B 136 0.06 -14.18 -42.18
CA GLU B 136 -0.56 -13.33 -41.17
C GLU B 136 0.18 -13.33 -39.84
N VAL B 137 1.01 -14.35 -39.59
CA VAL B 137 1.80 -14.33 -38.36
C VAL B 137 3.00 -13.45 -38.71
N CYS B 138 3.35 -12.53 -37.82
CA CYS B 138 4.44 -11.59 -38.06
C CYS B 138 5.70 -11.79 -37.22
N PRO B 139 6.75 -12.40 -37.78
CA PRO B 139 7.95 -12.57 -36.96
C PRO B 139 8.55 -11.20 -36.60
N ARG B 140 9.24 -11.14 -35.46
CA ARG B 140 9.84 -9.89 -35.02
C ARG B 140 11.07 -9.58 -35.88
N THR B 141 11.17 -8.33 -36.32
CA THR B 141 12.29 -7.91 -37.16
C THR B 141 13.15 -6.86 -36.48
N ARG B 142 12.84 -6.60 -35.22
CA ARG B 142 13.56 -5.65 -34.37
C ARG B 142 13.12 -5.85 -32.92
N ALA C 1 14.79 19.39 -10.64
CA ALA C 1 15.53 18.83 -9.47
C ALA C 1 14.83 17.57 -8.99
N ILE C 2 15.58 16.72 -8.29
CA ILE C 2 15.00 15.49 -7.74
C ILE C 2 14.15 15.91 -6.56
N GLU C 3 12.88 15.52 -6.58
CA GLU C 3 11.96 15.88 -5.51
C GLU C 3 11.27 14.64 -4.97
N ARG C 4 10.66 14.79 -3.80
CA ARG C 4 9.89 13.72 -3.17
C ARG C 4 8.52 14.30 -2.93
N THR C 5 7.50 13.62 -3.43
CA THR C 5 6.15 14.11 -3.26
C THR C 5 5.34 13.10 -2.47
N PHE C 6 4.25 13.56 -1.86
CA PHE C 6 3.40 12.72 -1.04
C PHE C 6 2.14 12.25 -1.76
N SER C 7 1.81 10.98 -1.55
CA SER C 7 0.64 10.36 -2.18
C SER C 7 -0.26 9.69 -1.16
N ILE C 8 -1.57 9.81 -1.38
CA ILE C 8 -2.53 9.08 -0.56
C ILE C 8 -3.42 8.31 -1.54
N ILE C 9 -3.59 7.01 -1.30
CA ILE C 9 -4.51 6.21 -2.09
C ILE C 9 -5.64 6.16 -1.06
N LYS C 10 -6.76 6.79 -1.39
CA LYS C 10 -7.88 6.92 -0.45
C LYS C 10 -8.69 5.67 -0.17
N PRO C 11 -9.52 5.69 0.90
CA PRO C 11 -10.31 4.52 1.27
C PRO C 11 -11.09 3.79 0.18
N ASN C 12 -11.66 4.53 -0.76
CA ASN C 12 -12.44 3.89 -1.83
C ASN C 12 -11.56 3.06 -2.76
N ALA C 13 -10.36 3.54 -3.06
CA ALA C 13 -9.45 2.83 -3.94
C ALA C 13 -8.89 1.60 -3.25
N VAL C 14 -8.59 1.74 -1.96
CA VAL C 14 -8.08 0.60 -1.21
C VAL C 14 -9.19 -0.44 -1.14
N ALA C 15 -10.41 0.00 -0.87
CA ALA C 15 -11.53 -0.94 -0.76
C ALA C 15 -11.77 -1.72 -2.05
N LYS C 16 -11.49 -1.09 -3.19
CA LYS C 16 -11.66 -1.71 -4.52
C LYS C 16 -10.47 -2.58 -4.92
N ASN C 17 -9.47 -2.64 -4.05
CA ASN C 17 -8.26 -3.42 -4.31
C ASN C 17 -7.52 -3.03 -5.58
N VAL C 18 -7.29 -1.73 -5.76
CA VAL C 18 -6.55 -1.25 -6.91
C VAL C 18 -5.24 -0.56 -6.49
N ILE C 19 -4.74 -0.90 -5.30
CA ILE C 19 -3.48 -0.31 -4.83
C ILE C 19 -2.38 -0.65 -5.84
N GLY C 20 -2.32 -1.90 -6.25
CA GLY C 20 -1.31 -2.32 -7.21
C GLY C 20 -1.39 -1.60 -8.54
N ASN C 21 -2.60 -1.46 -9.08
CA ASN C 21 -2.79 -0.77 -10.36
C ASN C 21 -2.23 0.66 -10.26
N ILE C 22 -2.52 1.32 -9.15
CA ILE C 22 -2.06 2.71 -8.96
C ILE C 22 -0.54 2.76 -8.81
N PHE C 23 0.02 1.88 -7.98
CA PHE C 23 1.47 1.83 -7.82
C PHE C 23 2.12 1.56 -9.18
N ALA C 24 1.52 0.66 -9.97
CA ALA C 24 2.08 0.33 -11.27
C ALA C 24 2.11 1.57 -12.15
N ARG C 25 1.07 2.40 -12.05
CA ARG C 25 1.03 3.64 -12.82
C ARG C 25 2.14 4.59 -12.35
N PHE C 26 2.39 4.66 -11.04
CA PHE C 26 3.48 5.52 -10.53
C PHE C 26 4.80 5.05 -11.15
N GLU C 27 5.04 3.74 -11.10
CA GLU C 27 6.30 3.22 -11.62
C GLU C 27 6.47 3.37 -13.13
N ALA C 28 5.38 3.19 -13.88
CA ALA C 28 5.43 3.32 -15.33
C ALA C 28 5.70 4.77 -15.72
N ALA C 29 5.31 5.70 -14.85
CA ALA C 29 5.52 7.12 -15.12
C ALA C 29 6.90 7.59 -14.67
N GLY C 30 7.72 6.65 -14.20
CA GLY C 30 9.07 6.99 -13.80
C GLY C 30 9.35 7.33 -12.36
N PHE C 31 8.34 7.23 -11.50
CA PHE C 31 8.54 7.53 -10.08
C PHE C 31 9.10 6.32 -9.37
N LYS C 32 9.90 6.56 -8.34
CA LYS C 32 10.42 5.46 -7.53
C LYS C 32 9.73 5.62 -6.18
N ILE C 33 9.11 4.54 -5.70
CA ILE C 33 8.45 4.56 -4.41
C ILE C 33 9.56 4.41 -3.35
N VAL C 34 9.76 5.46 -2.55
CA VAL C 34 10.80 5.43 -1.52
C VAL C 34 10.26 5.34 -0.10
N GLY C 35 8.93 5.34 0.04
CA GLY C 35 8.35 5.17 1.35
C GLY C 35 6.91 4.79 1.15
N THR C 36 6.38 3.91 1.99
CA THR C 36 4.96 3.58 1.87
C THR C 36 4.49 2.81 3.09
N LYS C 37 3.23 3.02 3.46
CA LYS C 37 2.65 2.26 4.56
C LYS C 37 1.13 2.32 4.51
N MET C 38 0.50 1.26 4.98
CA MET C 38 -0.95 1.22 5.04
C MET C 38 -1.33 1.55 6.48
N LEU C 39 -2.33 2.40 6.64
CA LEU C 39 -2.76 2.75 7.99
C LEU C 39 -4.24 3.12 7.95
N HIS C 40 -4.87 3.17 9.12
CA HIS C 40 -6.27 3.56 9.18
C HIS C 40 -6.28 4.79 10.08
N LEU C 41 -6.54 5.94 9.48
CA LEU C 41 -6.56 7.19 10.22
C LEU C 41 -7.58 7.27 11.33
N THR C 42 -7.17 7.82 12.48
CA THR C 42 -8.09 8.06 13.58
C THR C 42 -8.64 9.44 13.27
N VAL C 43 -9.73 9.83 13.91
CA VAL C 43 -10.26 11.17 13.65
C VAL C 43 -9.23 12.20 14.12
N GLU C 44 -8.50 11.89 15.19
CA GLU C 44 -7.47 12.81 15.69
C GLU C 44 -6.41 13.06 14.60
N GLN C 45 -5.99 12.00 13.93
CA GLN C 45 -4.98 12.12 12.89
C GLN C 45 -5.51 12.90 11.68
N ALA C 46 -6.72 12.57 11.26
CA ALA C 46 -7.34 13.23 10.11
C ALA C 46 -7.50 14.74 10.35
N ARG C 47 -7.99 15.11 11.52
CA ARG C 47 -8.17 16.53 11.83
C ARG C 47 -6.86 17.27 12.04
N GLY C 48 -5.79 16.53 12.29
CA GLY C 48 -4.49 17.17 12.48
C GLY C 48 -3.81 17.38 11.13
N PHE C 49 -4.25 16.61 10.12
CA PHE C 49 -3.69 16.70 8.77
C PHE C 49 -4.48 17.65 7.88
N TYR C 50 -5.81 17.52 7.94
CA TYR C 50 -6.73 18.33 7.14
C TYR C 50 -7.23 19.59 7.88
N ALA C 51 -6.56 19.98 8.95
CA ALA C 51 -6.96 21.15 9.72
C ALA C 51 -7.27 22.34 8.81
N GLU C 52 -6.41 22.55 7.82
CA GLU C 52 -6.56 23.64 6.87
C GLU C 52 -8.01 23.74 6.39
N HIS C 53 -8.63 22.58 6.17
CA HIS C 53 -10.00 22.52 5.69
C HIS C 53 -11.06 22.84 6.76
N ASP C 54 -10.64 22.94 8.01
CA ASP C 54 -11.57 23.25 9.09
C ASP C 54 -12.09 24.67 8.90
N GLY C 55 -13.09 24.81 8.03
CA GLY C 55 -13.67 26.11 7.75
C GLY C 55 -14.60 26.06 6.55
N LYS C 56 -14.62 24.91 5.88
CA LYS C 56 -15.48 24.72 4.71
C LYS C 56 -16.67 23.82 5.08
N PRO C 57 -17.73 23.84 4.26
CA PRO C 57 -18.95 23.05 4.49
C PRO C 57 -18.82 21.51 4.43
N PHE C 58 -17.96 21.01 3.55
CA PHE C 58 -17.79 19.57 3.41
C PHE C 58 -16.66 18.99 4.27
N PHE C 59 -16.19 19.75 5.25
CA PHE C 59 -15.11 19.29 6.11
C PHE C 59 -15.46 18.04 6.92
N ASP C 60 -16.61 18.04 7.58
CA ASP C 60 -17.03 16.90 8.37
C ASP C 60 -17.15 15.64 7.50
N GLY C 61 -17.63 15.83 6.27
CA GLY C 61 -17.77 14.71 5.35
C GLY C 61 -16.43 14.19 4.91
N LEU C 62 -15.47 15.08 4.73
CA LEU C 62 -14.12 14.72 4.33
C LEU C 62 -13.49 13.86 5.41
N VAL C 63 -13.55 14.33 6.66
CA VAL C 63 -12.95 13.59 7.77
C VAL C 63 -13.63 12.23 7.95
N GLU C 64 -14.95 12.20 7.77
CA GLU C 64 -15.68 10.95 7.92
C GLU C 64 -15.21 9.97 6.85
N PHE C 65 -15.12 10.44 5.62
CA PHE C 65 -14.69 9.58 4.53
C PHE C 65 -13.25 9.10 4.69
N MET C 66 -12.33 10.02 4.99
CA MET C 66 -10.93 9.65 5.13
C MET C 66 -10.61 8.75 6.32
N THR C 67 -11.57 8.57 7.23
CA THR C 67 -11.37 7.70 8.39
C THR C 67 -12.30 6.47 8.31
N SER C 68 -12.94 6.30 7.15
CA SER C 68 -13.88 5.20 6.96
C SER C 68 -13.26 3.84 6.64
N GLY C 69 -11.98 3.83 6.31
CA GLY C 69 -11.30 2.59 5.98
C GLY C 69 -9.82 2.85 5.79
N PRO C 70 -8.99 1.80 5.65
CA PRO C 70 -7.55 1.98 5.48
C PRO C 70 -7.16 2.74 4.21
N ILE C 71 -6.00 3.41 4.28
CA ILE C 71 -5.45 4.14 3.14
C ILE C 71 -3.99 3.72 3.00
N VAL C 72 -3.37 4.10 1.88
CA VAL C 72 -1.97 3.81 1.69
C VAL C 72 -1.31 5.16 1.45
N VAL C 73 -0.34 5.50 2.28
CA VAL C 73 0.37 6.75 2.09
C VAL C 73 1.76 6.41 1.59
N SER C 74 2.24 7.19 0.62
CA SER C 74 3.54 6.92 0.01
C SER C 74 4.37 8.14 -0.31
N VAL C 75 5.67 7.91 -0.51
CA VAL C 75 6.58 8.99 -0.90
C VAL C 75 7.13 8.57 -2.26
N LEU C 76 6.96 9.44 -3.26
CA LEU C 76 7.42 9.17 -4.62
C LEU C 76 8.58 10.09 -4.98
N GLU C 77 9.65 9.50 -5.51
CA GLU C 77 10.84 10.27 -5.86
C GLU C 77 11.10 10.32 -7.35
N GLY C 78 11.55 11.48 -7.82
CA GLY C 78 11.87 11.63 -9.23
C GLY C 78 12.16 13.07 -9.62
N GLU C 79 12.70 13.26 -10.82
CA GLU C 79 12.98 14.61 -11.29
C GLU C 79 11.64 15.34 -11.47
N ASN C 80 11.52 16.55 -10.91
CA ASN C 80 10.29 17.33 -11.02
C ASN C 80 9.09 16.52 -10.55
N ALA C 81 9.29 15.65 -9.57
CA ALA C 81 8.22 14.77 -9.08
C ALA C 81 6.92 15.42 -8.60
N VAL C 82 6.99 16.55 -7.90
CA VAL C 82 5.76 17.14 -7.42
C VAL C 82 4.82 17.48 -8.55
N GLN C 83 5.30 18.23 -9.54
CA GLN C 83 4.43 18.59 -10.65
C GLN C 83 4.05 17.40 -11.53
N ARG C 84 5.00 16.51 -11.80
CA ARG C 84 4.70 15.34 -12.63
C ARG C 84 3.64 14.46 -11.97
N HIS C 85 3.67 14.36 -10.64
CA HIS C 85 2.68 13.55 -9.92
C HIS C 85 1.31 14.24 -10.07
N ARG C 86 1.27 15.56 -9.95
CA ARG C 86 0.01 16.27 -10.13
C ARG C 86 -0.49 16.03 -11.55
N ASP C 87 0.41 16.03 -12.51
CA ASP C 87 0.04 15.80 -13.91
C ASP C 87 -0.55 14.40 -14.08
N LEU C 88 0.10 13.42 -13.47
CA LEU C 88 -0.36 12.04 -13.54
C LEU C 88 -1.74 11.87 -12.91
N LEU C 89 -1.97 12.56 -11.79
CA LEU C 89 -3.26 12.44 -11.10
C LEU C 89 -4.45 13.01 -11.85
N GLY C 90 -4.24 14.13 -12.54
CA GLY C 90 -5.34 14.75 -13.26
C GLY C 90 -6.20 15.66 -12.39
N ALA C 91 -7.26 16.21 -12.97
CA ALA C 91 -8.14 17.12 -12.26
C ALA C 91 -8.78 16.55 -10.99
N THR C 92 -8.97 17.40 -9.99
CA THR C 92 -9.57 17.00 -8.73
C THR C 92 -10.95 16.40 -8.97
N ASN C 93 -11.70 17.03 -9.87
CA ASN C 93 -13.04 16.53 -10.20
C ASN C 93 -12.89 15.49 -11.31
N PRO C 94 -13.24 14.23 -11.02
CA PRO C 94 -13.15 13.13 -12.00
C PRO C 94 -13.83 13.48 -13.32
N ALA C 95 -14.87 14.30 -13.23
CA ALA C 95 -15.63 14.72 -14.40
C ALA C 95 -14.76 15.53 -15.37
N ASN C 96 -13.81 16.28 -14.82
CA ASN C 96 -12.94 17.10 -15.66
C ASN C 96 -11.57 16.47 -15.91
N ALA C 97 -11.26 15.38 -15.22
CA ALA C 97 -9.96 14.73 -15.40
C ALA C 97 -9.87 14.06 -16.78
N LEU C 98 -8.73 14.23 -17.44
CA LEU C 98 -8.54 13.63 -18.75
C LEU C 98 -8.45 12.11 -18.68
N ALA C 99 -8.94 11.45 -19.72
CA ALA C 99 -8.90 10.00 -19.78
C ALA C 99 -7.48 9.51 -19.52
N GLY C 100 -7.34 8.48 -18.69
CA GLY C 100 -6.01 7.98 -18.41
C GLY C 100 -5.40 8.45 -17.10
N THR C 101 -5.78 9.65 -16.65
CA THR C 101 -5.23 10.15 -15.38
C THR C 101 -5.77 9.30 -14.24
N LEU C 102 -5.10 9.31 -13.10
CA LEU C 102 -5.54 8.49 -11.98
C LEU C 102 -6.93 8.87 -11.47
N ARG C 103 -7.28 10.16 -11.49
CA ARG C 103 -8.61 10.55 -11.03
C ARG C 103 -9.69 10.05 -12.00
N ALA C 104 -9.40 10.09 -13.29
CA ALA C 104 -10.37 9.61 -14.27
C ALA C 104 -10.54 8.10 -14.17
N ASP C 105 -9.41 7.39 -14.08
CA ASP C 105 -9.44 5.93 -14.03
C ASP C 105 -9.91 5.27 -12.74
N TYR C 106 -9.61 5.87 -11.60
CA TYR C 106 -9.96 5.22 -10.34
C TYR C 106 -10.91 5.94 -9.40
N ALA C 107 -11.41 7.11 -9.79
CA ALA C 107 -12.32 7.83 -8.91
C ALA C 107 -13.69 7.18 -8.93
N ASP C 108 -14.44 7.37 -7.85
CA ASP C 108 -15.79 6.85 -7.78
C ASP C 108 -16.73 8.06 -7.71
N SER C 109 -16.18 9.22 -7.34
CA SER C 109 -16.96 10.47 -7.23
C SER C 109 -16.05 11.67 -6.96
N LEU C 110 -16.61 12.87 -6.95
CA LEU C 110 -15.79 14.07 -6.72
C LEU C 110 -15.08 14.07 -5.37
N THR C 111 -15.80 13.71 -4.30
CA THR C 111 -15.19 13.66 -2.97
C THR C 111 -14.35 12.39 -2.86
N GLU C 112 -14.76 11.38 -3.61
CA GLU C 112 -14.06 10.11 -3.61
C GLU C 112 -13.32 9.94 -4.93
N ASN C 113 -12.36 10.83 -5.18
CA ASN C 113 -11.58 10.78 -6.41
C ASN C 113 -10.42 9.80 -6.34
N GLY C 114 -10.32 9.09 -5.22
CA GLY C 114 -9.31 8.06 -5.05
C GLY C 114 -7.86 8.36 -4.72
N THR C 115 -7.35 9.53 -5.10
CA THR C 115 -5.96 9.85 -4.84
C THR C 115 -5.70 11.30 -4.46
N HIS C 116 -4.60 11.50 -3.73
CA HIS C 116 -4.16 12.83 -3.31
C HIS C 116 -2.70 12.97 -3.71
N GLY C 117 -2.30 14.18 -4.09
CA GLY C 117 -0.92 14.45 -4.43
C GLY C 117 -0.56 15.81 -3.88
N SER C 118 0.67 15.98 -3.42
CA SER C 118 1.11 17.26 -2.87
C SER C 118 0.96 18.33 -3.95
N ASP C 119 0.58 19.54 -3.55
CA ASP C 119 0.44 20.58 -4.56
C ASP C 119 1.70 21.39 -4.78
N SER C 120 2.71 21.21 -3.94
CA SER C 120 3.98 21.93 -4.08
C SER C 120 5.11 21.24 -3.34
N VAL C 121 6.35 21.65 -3.62
CA VAL C 121 7.50 21.07 -2.94
C VAL C 121 7.37 21.37 -1.43
N GLU C 122 6.93 22.58 -1.12
CA GLU C 122 6.76 22.99 0.28
C GLU C 122 5.72 22.14 1.00
N SER C 123 4.56 21.95 0.37
CA SER C 123 3.52 21.16 1.00
C SER C 123 3.93 19.69 1.05
N ALA C 124 4.67 19.23 0.05
CA ALA C 124 5.11 17.82 0.05
C ALA C 124 5.97 17.55 1.29
N ALA C 125 6.90 18.45 1.59
CA ALA C 125 7.78 18.25 2.74
C ALA C 125 6.96 18.18 4.03
N ARG C 126 5.95 19.03 4.14
CA ARG C 126 5.10 19.06 5.32
C ARG C 126 4.26 17.78 5.45
N GLU C 127 3.68 17.33 4.34
CA GLU C 127 2.84 16.13 4.32
C GLU C 127 3.67 14.88 4.62
N ILE C 128 4.84 14.79 4.02
CA ILE C 128 5.74 13.66 4.26
C ILE C 128 6.16 13.63 5.73
N ALA C 129 6.48 14.79 6.30
CA ALA C 129 6.90 14.84 7.70
C ALA C 129 5.78 14.44 8.66
N TYR C 130 4.53 14.70 8.27
CA TYR C 130 3.39 14.36 9.10
C TYR C 130 3.19 12.85 9.24
N PHE C 131 3.39 12.11 8.15
CA PHE C 131 3.16 10.67 8.14
C PHE C 131 4.37 9.74 8.20
N PHE C 132 5.55 10.24 7.85
CA PHE C 132 6.74 9.40 7.84
C PHE C 132 7.79 9.82 8.84
N GLY C 133 8.10 8.89 9.74
CA GLY C 133 9.08 9.16 10.77
C GLY C 133 10.45 8.64 10.41
N GLU C 134 11.27 8.41 11.44
CA GLU C 134 12.63 7.93 11.29
C GLU C 134 12.77 6.61 10.52
N GLY C 135 13.60 6.65 9.49
CA GLY C 135 13.85 5.46 8.70
C GLY C 135 12.67 4.98 7.89
N GLU C 136 11.63 5.81 7.76
CA GLU C 136 10.48 5.39 6.98
C GLU C 136 10.58 5.84 5.52
N VAL C 137 11.46 6.80 5.25
CA VAL C 137 11.71 7.22 3.87
C VAL C 137 13.05 6.55 3.58
N CYS C 138 13.07 5.69 2.56
CA CYS C 138 14.25 4.90 2.25
C CYS C 138 14.91 5.19 0.92
N PRO C 139 16.03 5.95 0.94
CA PRO C 139 16.73 6.28 -0.30
C PRO C 139 17.13 4.98 -1.03
N ARG C 140 17.10 5.01 -2.36
CA ARG C 140 17.50 3.82 -3.12
C ARG C 140 19.01 3.69 -3.05
N THR C 141 19.48 2.46 -2.81
CA THR C 141 20.90 2.20 -2.70
C THR C 141 21.37 1.27 -3.82
N ARG C 142 20.43 0.84 -4.65
CA ARG C 142 20.69 -0.01 -5.81
C ARG C 142 19.53 0.12 -6.80
N ALA D 1 -10.37 -21.56 5.55
CA ALA D 1 -10.81 -20.38 6.35
C ALA D 1 -10.04 -19.13 5.91
N ILE D 2 -10.47 -17.97 6.40
CA ILE D 2 -9.80 -16.70 6.08
C ILE D 2 -8.50 -16.67 6.88
N GLU D 3 -7.39 -16.44 6.18
CA GLU D 3 -6.09 -16.39 6.83
C GLU D 3 -5.32 -15.15 6.42
N ARG D 4 -4.23 -14.89 7.14
CA ARG D 4 -3.34 -13.79 6.82
C ARG D 4 -1.97 -14.40 6.61
N THR D 5 -1.28 -13.95 5.56
CA THR D 5 0.05 -14.48 5.31
C THR D 5 1.03 -13.33 5.09
N PHE D 6 2.32 -13.62 5.18
CA PHE D 6 3.35 -12.60 5.06
C PHE D 6 4.06 -12.61 3.70
N SER D 7 4.32 -11.42 3.19
CA SER D 7 4.97 -11.21 1.91
C SER D 7 6.17 -10.29 1.98
N ILE D 8 7.20 -10.61 1.22
CA ILE D 8 8.35 -9.70 1.09
C ILE D 8 8.64 -9.52 -0.39
N ILE D 9 8.78 -8.26 -0.80
CA ILE D 9 9.20 -7.93 -2.16
C ILE D 9 10.65 -7.53 -1.88
N LYS D 10 11.58 -8.34 -2.39
CA LYS D 10 13.01 -8.19 -2.12
C LYS D 10 13.73 -7.02 -2.78
N PRO D 11 14.95 -6.70 -2.31
CA PRO D 11 15.71 -5.57 -2.87
C PRO D 11 15.82 -5.47 -4.39
N ASN D 12 16.00 -6.60 -5.06
CA ASN D 12 16.13 -6.60 -6.52
C ASN D 12 14.83 -6.21 -7.20
N ALA D 13 13.70 -6.66 -6.65
CA ALA D 13 12.39 -6.36 -7.22
C ALA D 13 12.03 -4.89 -6.97
N VAL D 14 12.33 -4.40 -5.78
CA VAL D 14 12.08 -3.00 -5.47
C VAL D 14 12.91 -2.13 -6.42
N ALA D 15 14.18 -2.50 -6.59
CA ALA D 15 15.06 -1.72 -7.45
C ALA D 15 14.63 -1.68 -8.91
N LYS D 16 13.92 -2.71 -9.36
CA LYS D 16 13.42 -2.79 -10.74
C LYS D 16 12.06 -2.08 -10.90
N ASN D 17 11.56 -1.54 -9.79
CA ASN D 17 10.29 -0.83 -9.79
C ASN D 17 9.10 -1.64 -10.31
N VAL D 18 8.94 -2.84 -9.76
CA VAL D 18 7.81 -3.68 -10.14
C VAL D 18 6.93 -3.95 -8.92
N ILE D 19 7.02 -3.07 -7.92
CA ILE D 19 6.19 -3.23 -6.71
C ILE D 19 4.71 -3.24 -7.12
N GLY D 20 4.32 -2.30 -7.97
CA GLY D 20 2.93 -2.24 -8.42
C GLY D 20 2.48 -3.49 -9.15
N ASN D 21 3.30 -3.96 -10.09
CA ASN D 21 2.96 -5.16 -10.84
C ASN D 21 2.72 -6.34 -9.88
N ILE D 22 3.56 -6.45 -8.85
CA ILE D 22 3.41 -7.55 -7.88
C ILE D 22 2.13 -7.37 -7.05
N PHE D 23 1.92 -6.17 -6.52
CA PHE D 23 0.69 -5.92 -5.76
C PHE D 23 -0.54 -6.16 -6.63
N ALA D 24 -0.48 -5.74 -7.90
CA ALA D 24 -1.62 -5.94 -8.79
C ALA D 24 -1.88 -7.42 -8.98
N ARG D 25 -0.84 -8.24 -9.01
CA ARG D 25 -1.01 -9.69 -9.15
C ARG D 25 -1.70 -10.24 -7.88
N PHE D 26 -1.33 -9.75 -6.71
CA PHE D 26 -1.95 -10.19 -5.46
C PHE D 26 -3.44 -9.85 -5.50
N GLU D 27 -3.76 -8.62 -5.86
CA GLU D 27 -5.16 -8.21 -5.88
C GLU D 27 -6.01 -8.90 -6.95
N ALA D 28 -5.42 -9.15 -8.12
CA ALA D 28 -6.16 -9.82 -9.18
C ALA D 28 -6.47 -11.26 -8.75
N ALA D 29 -5.63 -11.83 -7.90
CA ALA D 29 -5.82 -13.20 -7.43
C ALA D 29 -6.75 -13.29 -6.22
N GLY D 30 -7.32 -12.17 -5.80
CA GLY D 30 -8.25 -12.21 -4.70
C GLY D 30 -7.76 -11.89 -3.31
N PHE D 31 -6.48 -11.55 -3.18
CA PHE D 31 -5.93 -11.22 -1.87
C PHE D 31 -6.25 -9.78 -1.53
N LYS D 32 -6.40 -9.50 -0.24
CA LYS D 32 -6.63 -8.12 0.19
C LYS D 32 -5.34 -7.71 0.92
N ILE D 33 -4.74 -6.60 0.53
CA ILE D 33 -3.55 -6.14 1.22
C ILE D 33 -4.04 -5.47 2.49
N VAL D 34 -3.72 -6.05 3.65
CA VAL D 34 -4.18 -5.47 4.91
C VAL D 34 -3.09 -4.82 5.75
N GLY D 35 -1.86 -4.88 5.25
CA GLY D 35 -0.78 -4.25 5.95
C GLY D 35 0.40 -4.17 4.99
N THR D 36 1.14 -3.07 5.02
CA THR D 36 2.32 -2.96 4.17
C THR D 36 3.18 -1.80 4.61
N LYS D 37 4.47 -1.93 4.34
CA LYS D 37 5.40 -0.86 4.63
C LYS D 37 6.74 -1.13 3.98
N MET D 38 7.38 -0.05 3.54
CA MET D 38 8.70 -0.15 2.94
C MET D 38 9.71 0.14 4.03
N LEU D 39 10.79 -0.63 4.07
CA LEU D 39 11.83 -0.42 5.06
C LEU D 39 13.15 -0.92 4.51
N HIS D 40 14.24 -0.55 5.18
CA HIS D 40 15.57 -0.98 4.77
C HIS D 40 16.18 -1.65 5.98
N LEU D 41 16.23 -2.98 5.94
CA LEU D 41 16.77 -3.76 7.04
C LEU D 41 18.21 -3.43 7.40
N THR D 42 18.50 -3.33 8.69
CA THR D 42 19.88 -3.13 9.12
C THR D 42 20.40 -4.58 9.18
N VAL D 43 21.70 -4.77 9.30
CA VAL D 43 22.26 -6.12 9.39
C VAL D 43 21.66 -6.84 10.60
N GLU D 44 21.50 -6.14 11.71
CA GLU D 44 20.94 -6.76 12.91
C GLU D 44 19.48 -7.20 12.72
N GLN D 45 18.69 -6.40 12.01
CA GLN D 45 17.30 -6.79 11.79
C GLN D 45 17.22 -7.97 10.83
N ALA D 46 18.11 -8.01 9.85
CA ALA D 46 18.12 -9.10 8.87
C ALA D 46 18.55 -10.40 9.56
N ARG D 47 19.60 -10.30 10.37
CA ARG D 47 20.11 -11.48 11.09
C ARG D 47 19.02 -12.07 11.97
N GLY D 48 18.22 -11.21 12.58
CA GLY D 48 17.17 -11.72 13.44
C GLY D 48 16.07 -12.43 12.68
N PHE D 49 15.67 -11.88 11.53
CA PHE D 49 14.60 -12.50 10.77
C PHE D 49 15.05 -13.84 10.16
N TYR D 50 16.32 -13.91 9.79
CA TYR D 50 16.87 -15.13 9.18
C TYR D 50 17.72 -15.92 10.17
N ALA D 51 17.47 -15.72 11.46
CA ALA D 51 18.24 -16.37 12.52
C ALA D 51 18.39 -17.88 12.39
N GLU D 52 17.38 -18.55 11.86
CA GLU D 52 17.47 -20.01 11.70
C GLU D 52 18.61 -20.43 10.79
N HIS D 53 19.14 -19.50 10.00
CA HIS D 53 20.25 -19.83 9.11
C HIS D 53 21.61 -19.38 9.61
N ASP D 54 21.64 -18.82 10.82
CA ASP D 54 22.92 -18.36 11.35
C ASP D 54 23.89 -19.53 11.43
N GLY D 55 25.15 -19.28 11.09
CA GLY D 55 26.15 -20.33 11.14
C GLY D 55 26.29 -21.15 9.88
N LYS D 56 25.40 -20.95 8.90
CA LYS D 56 25.46 -21.69 7.64
C LYS D 56 26.30 -20.88 6.66
N PRO D 57 27.04 -21.56 5.76
CA PRO D 57 27.89 -20.88 4.78
C PRO D 57 27.24 -19.78 3.94
N PHE D 58 25.96 -19.94 3.59
CA PHE D 58 25.29 -18.94 2.75
C PHE D 58 24.70 -17.77 3.52
N PHE D 59 24.71 -17.85 4.85
CA PHE D 59 24.13 -16.79 5.69
C PHE D 59 24.61 -15.37 5.48
N ASP D 60 25.91 -15.13 5.54
CA ASP D 60 26.41 -13.77 5.37
C ASP D 60 26.00 -13.17 4.02
N GLY D 61 25.99 -13.99 2.98
CA GLY D 61 25.61 -13.51 1.65
C GLY D 61 24.13 -13.18 1.59
N LEU D 62 23.31 -13.96 2.30
CA LEU D 62 21.87 -13.74 2.35
C LEU D 62 21.60 -12.42 3.07
N VAL D 63 22.31 -12.21 4.18
CA VAL D 63 22.14 -10.99 4.96
C VAL D 63 22.60 -9.77 4.17
N GLU D 64 23.70 -9.93 3.43
CA GLU D 64 24.21 -8.82 2.63
C GLU D 64 23.18 -8.43 1.57
N PHE D 65 22.64 -9.42 0.88
CA PHE D 65 21.64 -9.17 -0.15
C PHE D 65 20.39 -8.53 0.43
N MET D 66 19.86 -9.12 1.51
CA MET D 66 18.64 -8.59 2.09
C MET D 66 18.77 -7.21 2.75
N THR D 67 20.00 -6.71 2.88
CA THR D 67 20.22 -5.37 3.44
C THR D 67 20.82 -4.45 2.36
N SER D 68 20.86 -4.92 1.12
CA SER D 68 21.46 -4.16 0.02
C SER D 68 20.59 -3.04 -0.53
N GLY D 69 19.33 -3.03 -0.12
CA GLY D 69 18.40 -2.01 -0.58
C GLY D 69 17.07 -2.18 0.11
N PRO D 70 16.15 -1.20 -0.02
CA PRO D 70 14.86 -1.31 0.63
C PRO D 70 14.00 -2.46 0.12
N ILE D 71 13.11 -2.93 1.00
CA ILE D 71 12.19 -4.01 0.68
C ILE D 71 10.78 -3.56 1.05
N VAL D 72 9.77 -4.30 0.62
CA VAL D 72 8.40 -3.99 1.02
C VAL D 72 7.86 -5.24 1.72
N VAL D 73 7.44 -5.09 2.97
CA VAL D 73 6.88 -6.23 3.70
C VAL D 73 5.37 -6.00 3.77
N SER D 74 4.59 -7.06 3.57
CA SER D 74 3.14 -6.91 3.57
C SER D 74 2.41 -8.08 4.21
N VAL D 75 1.15 -7.81 4.55
CA VAL D 75 0.27 -8.83 5.11
C VAL D 75 -0.89 -8.97 4.12
N LEU D 76 -1.12 -10.18 3.65
CA LEU D 76 -2.19 -10.45 2.68
C LEU D 76 -3.27 -11.29 3.36
N GLU D 77 -4.53 -10.97 3.06
CA GLU D 77 -5.66 -11.66 3.66
C GLU D 77 -6.61 -12.27 2.64
N GLY D 78 -7.08 -13.48 2.95
CA GLY D 78 -8.01 -14.14 2.05
C GLY D 78 -8.24 -15.59 2.44
N GLU D 79 -9.24 -16.19 1.83
CA GLU D 79 -9.55 -17.60 2.09
C GLU D 79 -8.34 -18.47 1.71
N ASN D 80 -7.89 -19.33 2.63
CA ASN D 80 -6.76 -20.22 2.38
C ASN D 80 -5.56 -19.42 1.86
N ALA D 81 -5.41 -18.18 2.34
CA ALA D 81 -4.34 -17.31 1.85
C ALA D 81 -2.90 -17.83 1.94
N VAL D 82 -2.54 -18.54 3.00
CA VAL D 82 -1.16 -19.01 3.09
C VAL D 82 -0.80 -19.87 1.88
N GLN D 83 -1.58 -20.92 1.64
CA GLN D 83 -1.30 -21.78 0.51
C GLN D 83 -1.52 -21.10 -0.84
N ARG D 84 -2.59 -20.32 -0.99
CA ARG D 84 -2.84 -19.66 -2.27
C ARG D 84 -1.73 -18.69 -2.63
N HIS D 85 -1.16 -18.02 -1.63
CA HIS D 85 -0.06 -17.08 -1.86
C HIS D 85 1.14 -17.87 -2.38
N ARG D 86 1.46 -18.98 -1.72
CA ARG D 86 2.56 -19.83 -2.18
C ARG D 86 2.30 -20.29 -3.62
N ASP D 87 1.05 -20.63 -3.91
CA ASP D 87 0.70 -21.08 -5.26
C ASP D 87 0.94 -19.97 -6.29
N LEU D 88 0.58 -18.74 -5.92
CA LEU D 88 0.76 -17.59 -6.82
C LEU D 88 2.23 -17.26 -7.04
N LEU D 89 3.02 -17.35 -5.98
CA LEU D 89 4.46 -17.07 -6.07
C LEU D 89 5.19 -18.09 -6.94
N GLY D 90 4.75 -19.34 -6.86
CA GLY D 90 5.42 -20.37 -7.62
C GLY D 90 6.57 -20.91 -6.77
N ALA D 91 7.22 -21.96 -7.24
CA ALA D 91 8.34 -22.56 -6.52
C ALA D 91 9.40 -21.55 -6.10
N THR D 92 9.90 -21.71 -4.87
CA THR D 92 10.93 -20.83 -4.34
C THR D 92 12.17 -20.84 -5.24
N ASN D 93 12.53 -22.01 -5.76
CA ASN D 93 13.66 -22.11 -6.68
C ASN D 93 13.12 -21.79 -8.07
N PRO D 94 13.55 -20.68 -8.69
CA PRO D 94 13.05 -20.32 -10.03
C PRO D 94 13.19 -21.42 -11.07
N ALA D 95 14.18 -22.28 -10.91
CA ALA D 95 14.38 -23.38 -11.86
C ALA D 95 13.18 -24.32 -11.88
N ASN D 96 12.39 -24.32 -10.82
CA ASN D 96 11.23 -25.19 -10.74
C ASN D 96 9.91 -24.43 -10.85
N ALA D 97 9.97 -23.10 -10.90
CA ALA D 97 8.74 -22.31 -10.95
C ALA D 97 8.03 -22.41 -12.29
N LEU D 98 6.71 -22.60 -12.25
CA LEU D 98 5.93 -22.69 -13.49
C LEU D 98 5.85 -21.31 -14.13
N ALA D 99 5.84 -21.30 -15.46
CA ALA D 99 5.75 -20.04 -16.19
C ALA D 99 4.55 -19.24 -15.73
N GLY D 100 4.71 -17.93 -15.61
CA GLY D 100 3.60 -17.09 -15.20
C GLY D 100 3.50 -16.84 -13.71
N THR D 101 4.25 -17.57 -12.89
CA THR D 101 4.21 -17.34 -11.45
C THR D 101 5.10 -16.14 -11.12
N LEU D 102 4.97 -15.59 -9.93
CA LEU D 102 5.78 -14.41 -9.61
C LEU D 102 7.28 -14.69 -9.61
N ARG D 103 7.68 -15.86 -9.13
CA ARG D 103 9.10 -16.19 -9.12
C ARG D 103 9.59 -16.40 -10.56
N ALA D 104 8.75 -17.02 -11.39
CA ALA D 104 9.16 -17.24 -12.77
C ALA D 104 9.29 -15.92 -13.51
N ASP D 105 8.36 -15.00 -13.25
CA ASP D 105 8.36 -13.71 -13.94
C ASP D 105 9.34 -12.67 -13.45
N TYR D 106 9.53 -12.58 -12.13
CA TYR D 106 10.40 -11.55 -11.57
C TYR D 106 11.73 -11.96 -10.94
N ALA D 107 12.07 -13.24 -10.93
CA ALA D 107 13.36 -13.63 -10.35
C ALA D 107 14.43 -13.01 -11.26
N ASP D 108 15.55 -12.61 -10.69
CA ASP D 108 16.61 -12.02 -11.50
C ASP D 108 17.72 -13.03 -11.69
N SER D 109 17.77 -13.99 -10.79
CA SER D 109 18.75 -15.07 -10.79
C SER D 109 18.09 -16.12 -9.91
N LEU D 110 18.68 -17.31 -9.83
CA LEU D 110 18.12 -18.36 -9.00
C LEU D 110 18.10 -17.96 -7.53
N THR D 111 19.12 -17.23 -7.09
CA THR D 111 19.21 -16.77 -5.71
C THR D 111 18.27 -15.60 -5.41
N GLU D 112 18.24 -14.61 -6.29
CA GLU D 112 17.38 -13.43 -6.09
C GLU D 112 16.04 -13.68 -6.78
N ASN D 113 15.19 -14.44 -6.10
CA ASN D 113 13.90 -14.80 -6.65
C ASN D 113 12.83 -13.72 -6.57
N GLY D 114 13.17 -12.57 -5.99
CA GLY D 114 12.26 -11.44 -5.94
C GLY D 114 11.19 -11.34 -4.87
N THR D 115 10.67 -12.48 -4.43
CA THR D 115 9.60 -12.46 -3.44
C THR D 115 9.69 -13.61 -2.44
N HIS D 116 9.09 -13.38 -1.28
CA HIS D 116 9.00 -14.38 -0.21
C HIS D 116 7.54 -14.50 0.17
N GLY D 117 7.13 -15.71 0.54
CA GLY D 117 5.78 -15.96 1.03
C GLY D 117 5.88 -16.95 2.18
N SER D 118 5.10 -16.76 3.24
CA SER D 118 5.13 -17.67 4.38
C SER D 118 4.86 -19.10 3.91
N ASP D 119 5.62 -20.06 4.42
CA ASP D 119 5.43 -21.44 4.00
C ASP D 119 4.37 -22.21 4.77
N SER D 120 3.88 -21.64 5.86
CA SER D 120 2.87 -22.30 6.68
C SER D 120 2.10 -21.29 7.53
N VAL D 121 0.98 -21.72 8.10
CA VAL D 121 0.19 -20.84 8.95
C VAL D 121 1.02 -20.45 10.17
N GLU D 122 1.83 -21.40 10.65
CA GLU D 122 2.68 -21.16 11.81
C GLU D 122 3.74 -20.10 11.52
N SER D 123 4.42 -20.23 10.40
CA SER D 123 5.47 -19.29 10.03
C SER D 123 4.85 -17.95 9.67
N ALA D 124 3.63 -17.96 9.13
CA ALA D 124 2.97 -16.71 8.77
C ALA D 124 2.77 -15.88 10.05
N ALA D 125 2.31 -16.54 11.10
CA ALA D 125 2.10 -15.85 12.37
C ALA D 125 3.41 -15.26 12.89
N ARG D 126 4.50 -16.03 12.81
CA ARG D 126 5.79 -15.56 13.30
C ARG D 126 6.35 -14.40 12.46
N GLU D 127 6.23 -14.50 11.14
CA GLU D 127 6.76 -13.46 10.27
C GLU D 127 5.96 -12.17 10.37
N ILE D 128 4.64 -12.28 10.41
CA ILE D 128 3.80 -11.09 10.52
C ILE D 128 4.11 -10.38 11.85
N ALA D 129 4.22 -11.15 12.92
CA ALA D 129 4.48 -10.58 14.24
C ALA D 129 5.83 -9.88 14.33
N TYR D 130 6.82 -10.40 13.61
CA TYR D 130 8.17 -9.85 13.61
C TYR D 130 8.18 -8.38 13.16
N PHE D 131 7.39 -8.07 12.14
CA PHE D 131 7.35 -6.72 11.58
C PHE D 131 6.13 -5.88 11.91
N PHE D 132 4.99 -6.52 12.08
CA PHE D 132 3.78 -5.77 12.34
C PHE D 132 3.42 -5.82 13.81
N GLY D 133 3.40 -4.64 14.41
CA GLY D 133 3.11 -4.56 15.83
C GLY D 133 1.65 -4.44 16.12
N GLU D 134 1.33 -4.35 17.41
CA GLU D 134 -0.05 -4.23 17.83
C GLU D 134 -0.73 -3.26 16.85
N GLY D 135 -1.60 -3.79 16.01
CA GLY D 135 -2.35 -2.97 15.07
C GLY D 135 -1.77 -2.29 13.85
N GLU D 136 -0.75 -2.87 13.22
CA GLU D 136 -0.19 -2.28 12.00
C GLU D 136 -0.90 -2.90 10.82
N VAL D 137 -1.76 -3.87 11.12
CA VAL D 137 -2.54 -4.55 10.10
C VAL D 137 -3.94 -3.94 10.24
N CYS D 138 -4.49 -3.48 9.12
CA CYS D 138 -5.80 -2.84 9.14
C CYS D 138 -6.87 -3.61 8.41
N PRO D 139 -7.81 -4.24 9.17
CA PRO D 139 -8.87 -4.99 8.51
C PRO D 139 -9.76 -4.06 7.69
N ARG D 140 -10.43 -4.62 6.69
CA ARG D 140 -11.32 -3.83 5.84
C ARG D 140 -12.61 -3.49 6.59
N THR D 141 -12.99 -2.22 6.53
CA THR D 141 -14.20 -1.75 7.22
C THR D 141 -15.27 -1.27 6.25
N ARG D 142 -15.02 -1.45 4.96
CA ARG D 142 -15.97 -1.05 3.92
C ARG D 142 -15.45 -1.40 2.53
N ALA E 1 22.43 23.26 31.38
CA ALA E 1 21.45 23.69 30.35
C ALA E 1 20.19 22.85 30.47
N ILE E 2 19.09 23.33 29.88
CA ILE E 2 17.84 22.59 29.90
C ILE E 2 18.02 21.51 28.83
N GLU E 3 17.83 20.25 29.23
CA GLU E 3 17.98 19.15 28.30
C GLU E 3 16.78 18.22 28.33
N ARG E 4 16.67 17.39 27.30
CA ARG E 4 15.61 16.38 27.25
C ARG E 4 16.31 15.03 27.23
N THR E 5 15.82 14.10 28.04
CA THR E 5 16.43 12.78 28.08
C THR E 5 15.35 11.71 27.86
N PHE E 6 15.77 10.50 27.49
CA PHE E 6 14.85 9.42 27.18
C PHE E 6 14.73 8.40 28.30
N SER E 7 13.51 7.92 28.49
CA SER E 7 13.21 6.95 29.52
C SER E 7 12.40 5.76 29.01
N ILE E 8 12.71 4.59 29.55
CA ILE E 8 11.89 3.42 29.24
C ILE E 8 11.48 2.78 30.56
N ILE E 9 10.20 2.49 30.71
CA ILE E 9 9.70 1.76 31.87
C ILE E 9 9.53 0.39 31.20
N LYS E 10 10.37 -0.56 31.60
CA LYS E 10 10.42 -1.89 31.00
C LYS E 10 9.24 -2.81 31.27
N PRO E 11 9.13 -3.90 30.49
CA PRO E 11 7.99 -4.83 30.66
C PRO E 11 7.63 -5.30 32.05
N ASN E 12 8.65 -5.55 32.87
CA ASN E 12 8.42 -6.02 34.23
C ASN E 12 7.75 -4.98 35.12
N ALA E 13 8.11 -3.71 34.92
CA ALA E 13 7.54 -2.63 35.72
C ALA E 13 6.11 -2.36 35.25
N VAL E 14 5.89 -2.39 33.95
CA VAL E 14 4.54 -2.18 33.43
C VAL E 14 3.63 -3.31 33.95
N ALA E 15 4.13 -4.54 33.93
CA ALA E 15 3.34 -5.68 34.39
C ALA E 15 2.96 -5.57 35.87
N LYS E 16 3.82 -4.93 36.66
CA LYS E 16 3.58 -4.74 38.09
C LYS E 16 2.69 -3.54 38.38
N ASN E 17 2.32 -2.80 37.34
CA ASN E 17 1.47 -1.63 37.49
C ASN E 17 2.06 -0.56 38.41
N VAL E 18 3.33 -0.24 38.18
CA VAL E 18 4.01 0.80 38.94
C VAL E 18 4.38 1.97 38.03
N ILE E 19 3.69 2.08 36.89
CA ILE E 19 3.95 3.18 35.98
C ILE E 19 3.76 4.53 36.70
N GLY E 20 2.66 4.65 37.43
CA GLY E 20 2.39 5.90 38.13
C GLY E 20 3.45 6.23 39.18
N ASN E 21 3.87 5.22 39.93
CA ASN E 21 4.88 5.44 40.97
C ASN E 21 6.15 5.99 40.35
N ILE E 22 6.55 5.42 39.21
CA ILE E 22 7.77 5.87 38.56
C ILE E 22 7.59 7.27 38.01
N PHE E 23 6.47 7.55 37.35
CA PHE E 23 6.21 8.90 36.84
C PHE E 23 6.21 9.90 37.99
N ALA E 24 5.64 9.52 39.12
CA ALA E 24 5.58 10.42 40.28
C ALA E 24 6.98 10.74 40.77
N ARG E 25 7.87 9.75 40.71
CA ARG E 25 9.26 9.96 41.12
C ARG E 25 9.92 10.95 40.15
N PHE E 26 9.66 10.80 38.85
CA PHE E 26 10.21 11.73 37.86
C PHE E 26 9.77 13.16 38.20
N GLU E 27 8.48 13.33 38.43
CA GLU E 27 7.97 14.68 38.70
C GLU E 27 8.43 15.27 40.02
N ALA E 28 8.56 14.43 41.04
CA ALA E 28 9.01 14.91 42.34
C ALA E 28 10.47 15.35 42.27
N ALA E 29 11.22 14.76 41.34
CA ALA E 29 12.64 15.09 41.18
C ALA E 29 12.82 16.32 40.30
N GLY E 30 11.72 16.92 39.88
CA GLY E 30 11.79 18.14 39.08
C GLY E 30 11.76 17.99 37.58
N PHE E 31 11.53 16.79 37.07
CA PHE E 31 11.47 16.60 35.63
C PHE E 31 10.07 16.89 35.14
N LYS E 32 9.96 17.41 33.92
CA LYS E 32 8.63 17.61 33.36
C LYS E 32 8.51 16.53 32.29
N ILE E 33 7.42 15.78 32.31
CA ILE E 33 7.20 14.76 31.28
C ILE E 33 6.70 15.52 30.06
N VAL E 34 7.46 15.52 28.97
CA VAL E 34 7.06 16.24 27.77
C VAL E 34 6.67 15.34 26.60
N GLY E 35 6.80 14.05 26.79
CA GLY E 35 6.41 13.12 25.75
C GLY E 35 6.27 11.76 26.39
N THR E 36 5.29 10.98 25.96
CA THR E 36 5.15 9.62 26.48
C THR E 36 4.17 8.81 25.67
N LYS E 37 4.42 7.52 25.59
CA LYS E 37 3.51 6.62 24.91
C LYS E 37 3.77 5.19 25.30
N MET E 38 2.70 4.42 25.36
CA MET E 38 2.82 3.00 25.67
C MET E 38 2.81 2.26 24.33
N LEU E 39 3.70 1.27 24.18
CA LEU E 39 3.75 0.50 22.94
C LEU E 39 4.29 -0.88 23.27
N HIS E 40 4.10 -1.82 22.34
CA HIS E 40 4.63 -3.17 22.54
C HIS E 40 5.60 -3.34 21.37
N LEU E 41 6.90 -3.37 21.69
CA LEU E 41 7.92 -3.48 20.63
C LEU E 41 7.84 -4.76 19.82
N THR E 42 8.09 -4.63 18.53
CA THR E 42 8.16 -5.80 17.66
C THR E 42 9.63 -6.20 17.69
N VAL E 43 9.94 -7.40 17.23
CA VAL E 43 11.35 -7.79 17.21
C VAL E 43 12.13 -6.87 16.26
N GLU E 44 11.48 -6.47 15.16
CA GLU E 44 12.11 -5.56 14.19
C GLU E 44 12.50 -4.25 14.89
N GLN E 45 11.58 -3.69 15.67
CA GLN E 45 11.84 -2.43 16.38
C GLN E 45 12.95 -2.57 17.42
N ALA E 46 12.90 -3.67 18.19
CA ALA E 46 13.88 -3.89 19.23
C ALA E 46 15.27 -4.06 18.64
N ARG E 47 15.38 -4.82 17.55
CA ARG E 47 16.68 -5.03 16.93
C ARG E 47 17.19 -3.78 16.24
N GLY E 48 16.29 -2.85 15.96
CA GLY E 48 16.69 -1.61 15.33
C GLY E 48 17.16 -0.61 16.39
N PHE E 49 16.65 -0.76 17.61
CA PHE E 49 16.98 0.14 18.73
C PHE E 49 18.22 -0.34 19.48
N TYR E 50 18.29 -1.63 19.73
CA TYR E 50 19.41 -2.24 20.46
C TYR E 50 20.49 -2.80 19.55
N ALA E 51 20.49 -2.39 18.28
CA ALA E 51 21.46 -2.83 17.30
C ALA E 51 22.85 -2.97 17.88
N GLU E 52 23.31 -1.91 18.54
CA GLU E 52 24.62 -1.88 19.17
C GLU E 52 24.93 -3.14 19.99
N HIS E 53 23.88 -3.74 20.55
CA HIS E 53 24.06 -4.93 21.37
C HIS E 53 24.21 -6.22 20.55
N ASP E 54 23.83 -6.18 19.28
CA ASP E 54 23.93 -7.36 18.42
C ASP E 54 25.39 -7.81 18.39
N GLY E 55 25.63 -9.01 18.90
CA GLY E 55 26.97 -9.56 18.94
C GLY E 55 27.27 -10.05 20.34
N LYS E 56 26.60 -9.43 21.32
CA LYS E 56 26.76 -9.80 22.72
C LYS E 56 25.99 -11.09 22.98
N PRO E 57 26.37 -11.85 24.01
CA PRO E 57 25.70 -13.11 24.35
C PRO E 57 24.26 -12.96 24.82
N PHE E 58 24.05 -12.04 25.75
CA PHE E 58 22.72 -11.79 26.31
C PHE E 58 21.81 -11.03 25.35
N PHE E 59 22.28 -10.77 24.14
CA PHE E 59 21.49 -10.02 23.18
C PHE E 59 20.12 -10.62 22.88
N ASP E 60 20.09 -11.90 22.53
CA ASP E 60 18.81 -12.55 22.25
C ASP E 60 17.92 -12.50 23.49
N GLY E 61 18.54 -12.62 24.66
CA GLY E 61 17.79 -12.57 25.90
C GLY E 61 17.19 -11.18 26.11
N LEU E 62 17.98 -10.16 25.82
CA LEU E 62 17.53 -8.78 25.95
C LEU E 62 16.33 -8.49 25.03
N VAL E 63 16.45 -8.92 23.78
CA VAL E 63 15.40 -8.71 22.79
C VAL E 63 14.14 -9.46 23.17
N GLU E 64 14.31 -10.67 23.68
CA GLU E 64 13.15 -11.46 24.08
C GLU E 64 12.42 -10.75 25.21
N PHE E 65 13.15 -10.30 26.21
CA PHE E 65 12.53 -9.61 27.35
C PHE E 65 11.88 -8.30 26.94
N MET E 66 12.59 -7.50 26.15
CA MET E 66 12.04 -6.20 25.76
C MET E 66 10.81 -6.27 24.85
N THR E 67 10.55 -7.44 24.28
CA THR E 67 9.38 -7.62 23.42
C THR E 67 8.34 -8.52 24.10
N SER E 68 8.58 -8.85 25.37
CA SER E 68 7.69 -9.74 26.11
C SER E 68 6.38 -9.12 26.58
N GLY E 69 6.32 -7.80 26.61
CA GLY E 69 5.10 -7.13 27.04
C GLY E 69 5.22 -5.66 26.76
N PRO E 70 4.15 -4.88 26.96
CA PRO E 70 4.21 -3.44 26.69
C PRO E 70 5.19 -2.69 27.60
N ILE E 71 5.68 -1.56 27.08
CA ILE E 71 6.60 -0.70 27.82
C ILE E 71 6.06 0.73 27.66
N VAL E 72 6.62 1.65 28.44
CA VAL E 72 6.24 3.06 28.33
C VAL E 72 7.54 3.79 28.04
N VAL E 73 7.57 4.54 26.95
CA VAL E 73 8.76 5.32 26.60
C VAL E 73 8.39 6.78 26.81
N SER E 74 9.31 7.56 27.35
CA SER E 74 9.00 8.94 27.65
C SER E 74 10.18 9.87 27.41
N VAL E 75 9.87 11.17 27.33
CA VAL E 75 10.88 12.23 27.18
C VAL E 75 10.72 13.11 28.44
N LEU E 76 11.83 13.30 29.15
CA LEU E 76 11.84 14.09 30.38
C LEU E 76 12.69 15.34 30.17
N GLU E 77 12.16 16.47 30.63
CA GLU E 77 12.84 17.74 30.44
C GLU E 77 13.21 18.44 31.73
N GLY E 78 14.35 19.12 31.74
CA GLY E 78 14.77 19.83 32.93
C GLY E 78 16.24 20.20 32.87
N GLU E 79 16.67 21.01 33.82
CA GLU E 79 18.07 21.42 33.88
C GLU E 79 18.96 20.21 34.14
N ASN E 80 20.00 20.05 33.33
CA ASN E 80 20.95 18.93 33.47
C ASN E 80 20.20 17.60 33.52
N ALA E 81 19.09 17.49 32.79
CA ALA E 81 18.26 16.28 32.83
C ALA E 81 18.92 14.94 32.52
N VAL E 82 19.81 14.90 31.54
CA VAL E 82 20.41 13.60 31.24
C VAL E 82 21.13 13.02 32.46
N GLN E 83 22.05 13.78 33.05
CA GLN E 83 22.76 13.28 34.21
C GLN E 83 21.86 13.11 35.43
N ARG E 84 20.95 14.06 35.67
CA ARG E 84 20.07 13.96 36.82
C ARG E 84 19.18 12.74 36.72
N HIS E 85 18.74 12.41 35.51
CA HIS E 85 17.88 11.24 35.30
C HIS E 85 18.70 9.99 35.63
N ARG E 86 19.95 9.96 35.18
CA ARG E 86 20.82 8.82 35.51
C ARG E 86 21.00 8.74 37.04
N ASP E 87 21.15 9.89 37.68
CA ASP E 87 21.33 9.91 39.14
C ASP E 87 20.09 9.34 39.83
N LEU E 88 18.92 9.73 39.33
CA LEU E 88 17.64 9.24 39.86
C LEU E 88 17.49 7.73 39.68
N LEU E 89 17.87 7.22 38.51
CA LEU E 89 17.74 5.79 38.27
C LEU E 89 18.67 4.93 39.14
N GLY E 90 19.90 5.40 39.35
CA GLY E 90 20.81 4.60 40.15
C GLY E 90 21.53 3.56 39.30
N ALA E 91 22.40 2.78 39.94
CA ALA E 91 23.19 1.75 39.25
C ALA E 91 22.39 0.78 38.40
N THR E 92 22.97 0.36 37.28
CA THR E 92 22.33 -0.59 36.38
C THR E 92 21.94 -1.86 37.11
N ASN E 93 22.81 -2.36 37.99
CA ASN E 93 22.50 -3.56 38.73
C ASN E 93 21.82 -3.17 40.04
N PRO E 94 20.59 -3.66 40.26
CA PRO E 94 19.80 -3.36 41.47
C PRO E 94 20.60 -3.57 42.75
N ALA E 95 21.46 -4.58 42.75
CA ALA E 95 22.27 -4.90 43.92
C ALA E 95 23.28 -3.80 44.27
N ASN E 96 23.66 -2.99 43.28
CA ASN E 96 24.62 -1.92 43.52
C ASN E 96 23.95 -0.56 43.61
N ALA E 97 22.68 -0.49 43.25
CA ALA E 97 21.94 0.77 43.28
C ALA E 97 21.66 1.22 44.72
N LEU E 98 21.80 2.52 44.98
CA LEU E 98 21.56 3.04 46.33
C LEU E 98 20.08 3.02 46.66
N ALA E 99 19.77 2.81 47.95
CA ALA E 99 18.38 2.77 48.40
C ALA E 99 17.64 4.01 47.91
N GLY E 100 16.41 3.82 47.44
CA GLY E 100 15.65 4.96 46.97
C GLY E 100 15.73 5.25 45.49
N THR E 101 16.79 4.76 44.82
CA THR E 101 16.88 5.00 43.38
C THR E 101 15.87 4.08 42.69
N LEU E 102 15.49 4.43 41.47
CA LEU E 102 14.50 3.64 40.76
C LEU E 102 14.89 2.18 40.53
N ARG E 103 16.17 1.91 40.27
CA ARG E 103 16.58 0.52 40.07
C ARG E 103 16.47 -0.22 41.40
N ALA E 104 16.89 0.41 42.48
CA ALA E 104 16.80 -0.24 43.79
C ALA E 104 15.35 -0.51 44.17
N ASP E 105 14.47 0.45 43.89
CA ASP E 105 13.06 0.35 44.26
C ASP E 105 12.16 -0.48 43.36
N TYR E 106 12.42 -0.50 42.06
CA TYR E 106 11.54 -1.22 41.14
C TYR E 106 12.10 -2.35 40.31
N ALA E 107 13.40 -2.61 40.44
CA ALA E 107 14.01 -3.70 39.66
C ALA E 107 13.62 -5.04 40.25
N ASP E 108 13.53 -6.05 39.39
CA ASP E 108 13.21 -7.40 39.82
C ASP E 108 14.50 -8.24 39.70
N SER E 109 15.43 -7.76 38.87
CA SER E 109 16.72 -8.43 38.65
C SER E 109 17.61 -7.55 37.77
N LEU E 110 18.82 -8.00 37.48
CA LEU E 110 19.73 -7.20 36.66
C LEU E 110 19.16 -6.93 35.27
N THR E 111 18.75 -7.98 34.56
CA THR E 111 18.19 -7.81 33.22
C THR E 111 16.85 -7.08 33.27
N GLU E 112 16.07 -7.41 34.28
CA GLU E 112 14.76 -6.78 34.45
C GLU E 112 14.89 -5.73 35.54
N ASN E 113 15.73 -4.74 35.29
CA ASN E 113 15.95 -3.69 36.27
C ASN E 113 14.91 -2.58 36.25
N GLY E 114 13.84 -2.79 35.48
CA GLY E 114 12.71 -1.86 35.43
C GLY E 114 12.74 -0.58 34.63
N THR E 115 13.91 0.05 34.52
CA THR E 115 14.00 1.31 33.82
C THR E 115 15.29 1.49 33.03
N HIS E 116 15.19 2.34 32.00
CA HIS E 116 16.32 2.71 31.16
C HIS E 116 16.38 4.24 31.12
N GLY E 117 17.60 4.77 31.01
CA GLY E 117 17.78 6.21 30.90
C GLY E 117 18.96 6.47 29.96
N SER E 118 18.88 7.53 29.15
CA SER E 118 19.95 7.86 28.23
C SER E 118 21.25 8.06 28.99
N ASP E 119 22.36 7.55 28.45
CA ASP E 119 23.63 7.72 29.16
C ASP E 119 24.37 9.02 28.78
N SER E 120 23.88 9.72 27.76
CA SER E 120 24.49 10.98 27.32
C SER E 120 23.51 11.83 26.52
N VAL E 121 23.85 13.11 26.30
CA VAL E 121 22.99 13.97 25.53
C VAL E 121 22.94 13.44 24.09
N GLU E 122 24.06 12.88 23.63
CA GLU E 122 24.12 12.31 22.29
C GLU E 122 23.17 11.12 22.15
N SER E 123 23.21 10.20 23.11
CA SER E 123 22.34 9.03 23.06
C SER E 123 20.89 9.45 23.27
N ALA E 124 20.66 10.47 24.11
CA ALA E 124 19.30 10.95 24.35
C ALA E 124 18.68 11.42 23.03
N ALA E 125 19.44 12.20 22.25
CA ALA E 125 18.92 12.69 20.98
C ALA E 125 18.53 11.53 20.06
N ARG E 126 19.40 10.52 19.98
CA ARG E 126 19.12 9.37 19.12
C ARG E 126 17.93 8.55 19.61
N GLU E 127 17.86 8.30 20.91
CA GLU E 127 16.78 7.49 21.47
C GLU E 127 15.45 8.20 21.35
N ILE E 128 15.42 9.49 21.66
CA ILE E 128 14.17 10.24 21.53
C ILE E 128 13.72 10.24 20.07
N ALA E 129 14.65 10.47 19.15
CA ALA E 129 14.32 10.51 17.73
C ALA E 129 13.78 9.17 17.22
N TYR E 130 14.29 8.08 17.78
CA TYR E 130 13.84 6.75 17.35
C TYR E 130 12.37 6.49 17.65
N PHE E 131 11.88 7.01 18.78
CA PHE E 131 10.50 6.77 19.18
C PHE E 131 9.51 7.91 19.07
N PHE E 132 10.02 9.13 19.00
CA PHE E 132 9.14 10.28 18.93
C PHE E 132 9.27 11.03 17.61
N GLY E 133 8.14 11.15 16.91
CA GLY E 133 8.11 11.84 15.64
C GLY E 133 7.56 13.23 15.79
N GLU E 134 6.96 13.77 14.72
CA GLU E 134 6.41 15.11 14.75
C GLU E 134 5.31 15.32 15.78
N GLY E 135 5.43 16.42 16.53
CA GLY E 135 4.43 16.76 17.53
C GLY E 135 4.25 15.80 18.69
N GLU E 136 5.15 14.83 18.82
CA GLU E 136 5.05 13.88 19.91
C GLU E 136 5.84 14.32 21.14
N VAL E 137 6.71 15.31 20.95
CA VAL E 137 7.49 15.91 22.03
C VAL E 137 6.82 17.27 22.17
N CYS E 138 6.05 17.44 23.24
CA CYS E 138 5.29 18.67 23.46
C CYS E 138 5.84 19.62 24.52
N PRO E 139 6.38 20.77 24.07
CA PRO E 139 6.92 21.74 25.03
C PRO E 139 5.81 22.32 25.89
N ARG E 140 6.14 22.64 27.15
CA ARG E 140 5.16 23.21 28.06
C ARG E 140 4.83 24.63 27.61
N THR E 141 3.54 24.95 27.59
CA THR E 141 3.09 26.27 27.13
C THR E 141 2.24 27.03 28.15
N ARG E 142 2.01 26.43 29.30
CA ARG E 142 1.22 27.08 30.34
C ARG E 142 2.11 27.82 31.33
N ALA F 1 -18.19 -7.31 33.48
CA ALA F 1 -17.23 -7.75 32.44
C ALA F 1 -16.03 -6.82 32.35
N ILE F 2 -14.93 -7.32 31.78
CA ILE F 2 -13.75 -6.50 31.62
C ILE F 2 -14.07 -5.46 30.57
N GLU F 3 -13.82 -4.19 30.90
CA GLU F 3 -14.09 -3.10 29.98
C GLU F 3 -12.87 -2.21 29.82
N ARG F 4 -12.88 -1.38 28.80
CA ARG F 4 -11.81 -0.42 28.57
C ARG F 4 -12.48 0.94 28.57
N THR F 5 -11.94 1.88 29.35
CA THR F 5 -12.54 3.20 29.38
C THR F 5 -11.49 4.23 29.03
N PHE F 6 -11.94 5.43 28.68
CA PHE F 6 -11.05 6.51 28.26
C PHE F 6 -10.81 7.53 29.36
N SER F 7 -9.57 8.01 29.42
CA SER F 7 -9.15 9.01 30.40
C SER F 7 -8.38 10.16 29.78
N ILE F 8 -8.60 11.36 30.31
CA ILE F 8 -7.80 12.50 29.87
C ILE F 8 -7.28 13.17 31.13
N ILE F 9 -5.99 13.48 31.15
CA ILE F 9 -5.42 14.25 32.25
C ILE F 9 -5.27 15.59 31.53
N LYS F 10 -6.07 16.57 31.97
CA LYS F 10 -6.13 17.87 31.33
C LYS F 10 -4.93 18.80 31.48
N PRO F 11 -4.89 19.88 30.66
CA PRO F 11 -3.75 20.79 30.73
C PRO F 11 -3.36 21.32 32.09
N ASN F 12 -4.32 21.59 32.97
CA ASN F 12 -3.99 22.12 34.28
C ASN F 12 -3.26 21.08 35.14
N ALA F 13 -3.67 19.82 35.06
CA ALA F 13 -3.04 18.77 35.85
C ALA F 13 -1.65 18.46 35.30
N VAL F 14 -1.52 18.47 33.99
CA VAL F 14 -0.22 18.25 33.38
C VAL F 14 0.74 19.36 33.80
N ALA F 15 0.28 20.61 33.77
CA ALA F 15 1.13 21.74 34.15
C ALA F 15 1.54 21.69 35.62
N LYS F 16 0.77 21.03 36.46
CA LYS F 16 1.08 20.90 37.88
C LYS F 16 1.99 19.71 38.14
N ASN F 17 2.29 18.95 37.10
CA ASN F 17 3.17 17.80 37.22
C ASN F 17 2.65 16.76 38.20
N VAL F 18 1.38 16.41 38.04
CA VAL F 18 0.77 15.38 38.89
C VAL F 18 0.29 14.19 38.05
N ILE F 19 0.89 14.02 36.87
CA ILE F 19 0.52 12.90 36.01
C ILE F 19 0.75 11.59 36.75
N GLY F 20 1.91 11.49 37.40
CA GLY F 20 2.24 10.28 38.13
C GLY F 20 1.29 9.99 39.29
N ASN F 21 0.96 11.01 40.08
CA ASN F 21 0.04 10.83 41.20
C ASN F 21 -1.29 10.27 40.70
N ILE F 22 -1.77 10.77 39.56
CA ILE F 22 -3.03 10.33 38.98
C ILE F 22 -2.91 8.90 38.48
N PHE F 23 -1.86 8.61 37.71
CA PHE F 23 -1.66 7.24 37.24
C PHE F 23 -1.56 6.27 38.43
N ALA F 24 -0.85 6.68 39.49
CA ALA F 24 -0.69 5.81 40.67
C ALA F 24 -2.04 5.53 41.31
N ARG F 25 -2.94 6.51 41.29
CA ARG F 25 -4.29 6.28 41.82
C ARG F 25 -5.03 5.27 40.94
N PHE F 26 -4.89 5.39 39.61
CA PHE F 26 -5.55 4.44 38.71
C PHE F 26 -5.06 3.02 39.05
N GLU F 27 -3.75 2.87 39.17
CA GLU F 27 -3.18 1.56 39.41
C GLU F 27 -3.53 0.98 40.78
N ALA F 28 -3.59 1.83 41.79
CA ALA F 28 -3.93 1.37 43.13
C ALA F 28 -5.39 0.92 43.18
N ALA F 29 -6.22 1.51 42.31
CA ALA F 29 -7.63 1.15 42.24
C ALA F 29 -7.86 -0.13 41.42
N GLY F 30 -6.78 -0.71 40.91
CA GLY F 30 -6.90 -1.94 40.14
C GLY F 30 -6.98 -1.83 38.63
N PHE F 31 -6.90 -0.62 38.08
CA PHE F 31 -6.94 -0.47 36.63
C PHE F 31 -5.59 -0.77 36.03
N LYS F 32 -5.59 -1.31 34.81
CA LYS F 32 -4.34 -1.56 34.09
C LYS F 32 -4.31 -0.50 33.00
N ILE F 33 -3.21 0.22 32.91
CA ILE F 33 -3.10 1.22 31.86
C ILE F 33 -2.70 0.42 30.62
N VAL F 34 -3.58 0.36 29.61
CA VAL F 34 -3.25 -0.41 28.41
C VAL F 34 -2.95 0.43 27.18
N GLY F 35 -3.04 1.75 27.35
CA GLY F 35 -2.73 2.64 26.26
C GLY F 35 -2.53 4.02 26.85
N THR F 36 -1.56 4.77 26.33
CA THR F 36 -1.38 6.14 26.81
C THR F 36 -0.45 6.91 25.90
N LYS F 37 -0.71 8.21 25.77
CA LYS F 37 0.16 9.09 25.01
C LYS F 37 -0.08 10.54 25.39
N MET F 38 0.98 11.33 25.36
CA MET F 38 0.89 12.75 25.65
C MET F 38 0.78 13.42 24.29
N LEU F 39 -0.10 14.41 24.17
CA LEU F 39 -0.26 15.11 22.91
C LEU F 39 -0.73 16.52 23.19
N HIS F 40 -0.64 17.39 22.19
CA HIS F 40 -1.09 18.76 22.34
C HIS F 40 -2.12 18.97 21.24
N LEU F 41 -3.38 19.04 21.64
CA LEU F 41 -4.47 19.21 20.69
C LEU F 41 -4.40 20.52 19.93
N THR F 42 -4.65 20.46 18.62
CA THR F 42 -4.73 21.67 17.82
C THR F 42 -6.19 22.10 18.00
N VAL F 43 -6.53 23.31 17.59
CA VAL F 43 -7.91 23.77 17.70
C VAL F 43 -8.88 22.85 16.93
N GLU F 44 -8.49 22.39 15.75
CA GLU F 44 -9.35 21.51 14.97
C GLU F 44 -9.55 20.16 15.66
N GLN F 45 -8.49 19.63 16.28
CA GLN F 45 -8.62 18.35 16.96
C GLN F 45 -9.52 18.45 18.18
N ALA F 46 -9.42 19.58 18.90
CA ALA F 46 -10.25 19.78 20.09
C ALA F 46 -11.70 20.01 19.68
N ARG F 47 -11.92 20.79 18.62
CA ARG F 47 -13.28 21.05 18.15
C ARG F 47 -13.98 19.75 17.75
N GLY F 48 -13.22 18.82 17.18
CA GLY F 48 -13.81 17.56 16.80
C GLY F 48 -14.19 16.69 17.99
N PHE F 49 -13.32 16.62 18.99
CA PHE F 49 -13.62 15.79 20.16
C PHE F 49 -14.81 16.34 20.96
N TYR F 50 -14.96 17.67 20.95
CA TYR F 50 -16.04 18.32 21.70
C TYR F 50 -17.09 18.88 20.75
N ALA F 51 -17.20 18.29 19.57
CA ALA F 51 -18.15 18.75 18.56
C ALA F 51 -19.59 18.88 19.04
N GLU F 52 -19.99 18.06 20.00
CA GLU F 52 -21.36 18.12 20.48
C GLU F 52 -21.70 19.46 21.13
N HIS F 53 -20.69 20.24 21.49
CA HIS F 53 -20.90 21.55 22.12
C HIS F 53 -20.67 22.73 21.18
N ASP F 54 -20.41 22.44 19.91
CA ASP F 54 -20.18 23.49 18.95
C ASP F 54 -21.41 24.40 18.90
N GLY F 55 -21.19 25.71 18.88
CA GLY F 55 -22.30 26.64 18.82
C GLY F 55 -22.81 27.10 20.18
N LYS F 56 -22.31 26.49 21.25
CA LYS F 56 -22.72 26.88 22.60
C LYS F 56 -21.76 27.96 23.09
N PRO F 57 -22.28 28.93 23.87
CA PRO F 57 -21.45 30.03 24.38
C PRO F 57 -20.14 29.66 25.09
N PHE F 58 -20.11 28.52 25.77
CA PHE F 58 -18.89 28.12 26.48
C PHE F 58 -17.90 27.36 25.60
N PHE F 59 -18.32 27.00 24.40
CA PHE F 59 -17.47 26.22 23.49
C PHE F 59 -16.08 26.77 23.21
N ASP F 60 -15.99 28.00 22.70
CA ASP F 60 -14.66 28.54 22.40
C ASP F 60 -13.72 28.54 23.60
N GLY F 61 -14.23 28.83 24.79
CA GLY F 61 -13.39 28.82 25.99
C GLY F 61 -12.95 27.41 26.33
N LEU F 62 -13.84 26.45 26.15
CA LEU F 62 -13.51 25.05 26.42
C LEU F 62 -12.37 24.62 25.48
N VAL F 63 -12.51 24.95 24.21
CA VAL F 63 -11.49 24.62 23.21
C VAL F 63 -10.18 25.33 23.54
N GLU F 64 -10.26 26.58 23.97
CA GLU F 64 -9.04 27.33 24.31
C GLU F 64 -8.33 26.63 25.47
N PHE F 65 -9.08 26.25 26.50
CA PHE F 65 -8.45 25.57 27.63
C PHE F 65 -7.84 24.23 27.24
N MET F 66 -8.59 23.44 26.49
CA MET F 66 -8.10 22.12 26.12
C MET F 66 -6.96 22.10 25.10
N THR F 67 -6.63 23.26 24.55
CA THR F 67 -5.51 23.39 23.61
C THR F 67 -4.45 24.30 24.22
N SER F 68 -4.62 24.66 25.50
CA SER F 68 -3.68 25.58 26.16
C SER F 68 -2.36 24.93 26.55
N GLY F 69 -2.34 23.60 26.60
CA GLY F 69 -1.13 22.91 26.95
C GLY F 69 -1.28 21.43 26.67
N PRO F 70 -0.20 20.64 26.79
CA PRO F 70 -0.32 19.20 26.51
C PRO F 70 -1.23 18.48 27.50
N ILE F 71 -1.80 17.37 27.04
CA ILE F 71 -2.67 16.51 27.85
C ILE F 71 -2.16 15.08 27.72
N VAL F 72 -2.67 14.19 28.57
CA VAL F 72 -2.32 12.77 28.47
C VAL F 72 -3.63 12.03 28.29
N VAL F 73 -3.75 11.29 27.19
CA VAL F 73 -4.97 10.51 26.94
C VAL F 73 -4.59 9.05 27.17
N SER F 74 -5.46 8.30 27.83
CA SER F 74 -5.16 6.91 28.16
C SER F 74 -6.36 5.99 28.07
N VAL F 75 -6.07 4.70 28.01
CA VAL F 75 -7.08 3.67 27.99
C VAL F 75 -6.83 2.83 29.25
N LEU F 76 -7.86 2.70 30.08
CA LEU F 76 -7.79 1.97 31.33
C LEU F 76 -8.63 0.71 31.20
N GLU F 77 -8.09 -0.42 31.66
CA GLU F 77 -8.81 -1.69 31.56
C GLU F 77 -9.06 -2.37 32.91
N GLY F 78 -10.22 -3.01 33.03
CA GLY F 78 -10.54 -3.71 34.26
C GLY F 78 -12.02 -4.05 34.36
N GLU F 79 -12.37 -4.86 35.35
CA GLU F 79 -13.76 -5.24 35.56
C GLU F 79 -14.60 -4.01 35.82
N ASN F 80 -15.69 -3.84 35.06
CA ASN F 80 -16.61 -2.70 35.22
C ASN F 80 -15.82 -1.38 35.24
N ALA F 81 -14.76 -1.32 34.43
CA ALA F 81 -13.91 -0.13 34.42
C ALA F 81 -14.56 1.22 34.14
N VAL F 82 -15.53 1.28 33.25
CA VAL F 82 -16.15 2.58 32.97
C VAL F 82 -16.73 3.20 34.24
N GLN F 83 -17.59 2.46 34.94
CA GLN F 83 -18.19 2.98 36.16
C GLN F 83 -17.17 3.13 37.30
N ARG F 84 -16.27 2.17 37.45
CA ARG F 84 -15.30 2.28 38.54
C ARG F 84 -14.41 3.51 38.36
N HIS F 85 -14.08 3.82 37.12
CA HIS F 85 -13.22 4.97 36.83
C HIS F 85 -13.99 6.23 37.21
N ARG F 86 -15.27 6.29 36.85
CA ARG F 86 -16.10 7.45 37.18
C ARG F 86 -16.16 7.63 38.71
N ASP F 87 -16.27 6.51 39.42
CA ASP F 87 -16.34 6.55 40.87
C ASP F 87 -15.04 7.11 41.47
N LEU F 88 -13.90 6.71 40.91
CA LEU F 88 -12.60 7.19 41.37
C LEU F 88 -12.40 8.68 41.04
N LEU F 89 -12.88 9.11 39.87
CA LEU F 89 -12.73 10.50 39.48
C LEU F 89 -13.56 11.43 40.36
N GLY F 90 -14.75 10.97 40.73
CA GLY F 90 -15.64 11.79 41.53
C GLY F 90 -16.48 12.66 40.59
N ALA F 91 -17.43 13.40 41.16
CA ALA F 91 -18.29 14.27 40.37
C ALA F 91 -17.51 15.19 39.43
N THR F 92 -18.02 15.36 38.20
CA THR F 92 -17.39 16.21 37.22
C THR F 92 -17.27 17.65 37.74
N ASN F 93 -18.30 18.10 38.45
CA ASN F 93 -18.31 19.43 39.04
C ASN F 93 -17.60 19.28 40.39
N PRO F 94 -16.44 19.93 40.56
CA PRO F 94 -15.67 19.85 41.81
C PRO F 94 -16.46 20.22 43.04
N ALA F 95 -17.46 21.09 42.88
CA ALA F 95 -18.29 21.51 44.00
C ALA F 95 -19.07 20.34 44.59
N ASN F 96 -19.25 19.28 43.80
CA ASN F 96 -20.01 18.13 44.26
C ASN F 96 -19.13 16.90 44.50
N ALA F 97 -17.86 16.98 44.12
CA ALA F 97 -16.97 15.82 44.27
C ALA F 97 -16.63 15.50 45.73
N LEU F 98 -16.70 14.21 46.07
CA LEU F 98 -16.38 13.78 47.43
C LEU F 98 -14.88 13.91 47.69
N ALA F 99 -14.53 14.28 48.93
CA ALA F 99 -13.12 14.41 49.30
C ALA F 99 -12.37 13.15 48.94
N GLY F 100 -11.14 13.32 48.46
CA GLY F 100 -10.34 12.16 48.11
C GLY F 100 -10.45 11.69 46.67
N THR F 101 -11.49 12.12 45.95
CA THR F 101 -11.62 11.72 44.55
C THR F 101 -10.66 12.56 43.71
N LEU F 102 -10.40 12.15 42.47
CA LEU F 102 -9.45 12.90 41.65
C LEU F 102 -9.90 14.33 41.34
N ARG F 103 -11.20 14.54 41.14
CA ARG F 103 -11.67 15.90 40.88
C ARG F 103 -11.55 16.74 42.15
N ALA F 104 -11.87 16.16 43.30
CA ALA F 104 -11.77 16.91 44.55
C ALA F 104 -10.32 17.29 44.81
N ASP F 105 -9.40 16.38 44.52
CA ASP F 105 -7.99 16.62 44.78
C ASP F 105 -7.23 17.50 43.77
N TYR F 106 -7.57 17.36 42.48
CA TYR F 106 -6.82 18.09 41.46
C TYR F 106 -7.55 19.12 40.58
N ALA F 107 -8.83 19.37 40.84
CA ALA F 107 -9.57 20.34 40.04
C ALA F 107 -9.36 21.77 40.54
N ASP F 108 -9.20 22.69 39.60
CA ASP F 108 -9.03 24.10 39.93
C ASP F 108 -10.36 24.83 39.67
N SER F 109 -11.25 24.21 38.90
CA SER F 109 -12.55 24.77 38.59
C SER F 109 -13.27 23.75 37.72
N LEU F 110 -14.54 24.02 37.40
CA LEU F 110 -15.32 23.11 36.57
C LEU F 110 -14.66 22.94 35.20
N THR F 111 -14.28 24.06 34.57
CA THR F 111 -13.63 23.97 33.27
C THR F 111 -12.31 23.23 33.45
N GLU F 112 -11.55 23.65 34.45
CA GLU F 112 -10.26 23.04 34.74
C GLU F 112 -10.34 22.02 35.89
N ASN F 113 -11.11 20.97 35.67
CA ASN F 113 -11.28 19.97 36.72
C ASN F 113 -10.24 18.85 36.72
N GLY F 114 -9.19 19.03 35.92
CA GLY F 114 -8.08 18.08 35.91
C GLY F 114 -8.16 16.78 35.15
N THR F 115 -9.32 16.13 35.15
CA THR F 115 -9.45 14.84 34.49
C THR F 115 -10.80 14.64 33.83
N HIS F 116 -10.83 13.74 32.84
CA HIS F 116 -12.06 13.34 32.17
C HIS F 116 -12.11 11.81 32.19
N GLY F 117 -13.32 11.27 32.25
CA GLY F 117 -13.52 9.83 32.19
C GLY F 117 -14.78 9.59 31.39
N SER F 118 -14.80 8.55 30.57
CA SER F 118 -15.99 8.24 29.76
C SER F 118 -17.20 8.05 30.66
N ASP F 119 -18.37 8.52 30.22
CA ASP F 119 -19.56 8.37 31.06
C ASP F 119 -20.35 7.08 30.82
N SER F 120 -20.00 6.33 29.78
CA SER F 120 -20.69 5.07 29.49
C SER F 120 -19.85 4.18 28.62
N VAL F 121 -20.28 2.93 28.46
CA VAL F 121 -19.59 1.97 27.64
C VAL F 121 -19.57 2.48 26.20
N GLU F 122 -20.71 3.04 25.77
CA GLU F 122 -20.84 3.58 24.42
C GLU F 122 -19.90 4.75 24.16
N SER F 123 -19.85 5.70 25.08
CA SER F 123 -18.99 6.85 24.87
C SER F 123 -17.54 6.43 24.99
N ALA F 124 -17.25 5.44 25.83
CA ALA F 124 -15.88 4.97 25.98
C ALA F 124 -15.35 4.46 24.65
N ALA F 125 -16.17 3.67 23.95
CA ALA F 125 -15.76 3.14 22.65
C ALA F 125 -15.45 4.26 21.68
N ARG F 126 -16.33 5.25 21.64
CA ARG F 126 -16.15 6.38 20.75
C ARG F 126 -14.92 7.22 21.07
N GLU F 127 -14.70 7.48 22.36
CA GLU F 127 -13.57 8.32 22.77
C GLU F 127 -12.24 7.63 22.54
N ILE F 128 -12.18 6.34 22.85
CA ILE F 128 -10.94 5.60 22.63
C ILE F 128 -10.62 5.59 21.13
N ALA F 129 -11.64 5.30 20.31
CA ALA F 129 -11.46 5.24 18.87
C ALA F 129 -10.99 6.56 18.27
N TYR F 130 -11.43 7.68 18.85
CA TYR F 130 -11.05 9.00 18.37
C TYR F 130 -9.53 9.20 18.39
N PHE F 131 -8.89 8.69 19.45
CA PHE F 131 -7.45 8.89 19.63
C PHE F 131 -6.55 7.70 19.40
N PHE F 132 -7.05 6.51 19.65
CA PHE F 132 -6.22 5.32 19.51
C PHE F 132 -6.55 4.50 18.27
N GLY F 133 -5.57 4.36 17.40
CA GLY F 133 -5.75 3.59 16.18
C GLY F 133 -5.57 2.13 16.51
N GLU F 134 -6.32 1.26 15.84
CA GLU F 134 -6.21 -0.17 16.12
C GLU F 134 -4.76 -0.54 16.38
N GLY F 135 -4.49 -1.03 17.59
CA GLY F 135 -3.15 -1.41 17.95
C GLY F 135 -2.40 -0.51 18.91
N GLU F 136 -2.89 0.69 19.11
CA GLU F 136 -2.24 1.61 20.04
C GLU F 136 -2.61 1.18 21.46
N VAL F 137 -3.52 0.22 21.53
CA VAL F 137 -3.93 -0.34 22.81
C VAL F 137 -3.17 -1.65 22.85
N CYS F 138 -2.41 -1.85 23.93
CA CYS F 138 -1.58 -3.04 24.08
C CYS F 138 -2.06 -3.95 25.20
N PRO F 139 -2.67 -5.10 24.84
CA PRO F 139 -3.11 -5.97 25.94
C PRO F 139 -1.90 -6.49 26.71
N ARG F 140 -2.11 -6.84 27.98
CA ARG F 140 -1.02 -7.33 28.79
C ARG F 140 -0.70 -8.78 28.40
N THR F 141 0.59 -9.05 28.20
CA THR F 141 1.05 -10.38 27.81
C THR F 141 2.08 -10.88 28.81
N ARG F 142 2.25 -10.09 29.86
CA ARG F 142 3.20 -10.41 30.93
C ARG F 142 2.64 -9.93 32.26
S SO4 G . 1.23 10.39 -34.91
O1 SO4 G . 2.30 10.64 -33.92
O2 SO4 G . 0.94 11.65 -35.63
O3 SO4 G . 1.65 9.36 -35.88
O4 SO4 G . 0.01 9.93 -34.22
S SO4 H . -10.36 -25.26 -22.85
O1 SO4 H . -11.28 -24.75 -21.80
O2 SO4 H . -10.04 -24.16 -23.79
O3 SO4 H . -9.12 -25.74 -22.23
O4 SO4 H . -10.99 -26.38 -23.57
S SO4 I . -7.42 16.12 -2.95
O1 SO4 I . -6.14 16.24 -3.66
O2 SO4 I . -7.31 15.09 -1.90
O3 SO4 I . -7.73 17.41 -2.31
O4 SO4 I . -8.51 15.77 -3.89
S SO4 J . 12.33 -17.27 0.25
O1 SO4 J . 12.76 -17.33 -1.15
O2 SO4 J . 12.84 -16.01 0.85
O3 SO4 J . 10.87 -17.32 0.35
O4 SO4 J . 12.89 -18.39 1.01
S SO4 K . 19.94 -0.22 30.85
O1 SO4 K . 18.65 0.11 30.21
O2 SO4 K . 20.51 1.01 31.44
O3 SO4 K . 19.72 -1.22 31.91
O4 SO4 K . 20.88 -0.76 29.84
S SO4 L . -15.38 16.32 31.64
O1 SO4 L . -15.11 17.14 32.83
O2 SO4 L . -15.23 14.90 31.98
O3 SO4 L . -16.76 16.56 31.16
O4 SO4 L . -14.44 16.69 30.57
#